data_8QWZ
#
_entry.id   8QWZ
#
_cell.length_a   127.842
_cell.length_b   127.842
_cell.length_c   125.341
_cell.angle_alpha   90.00
_cell.angle_beta   90.00
_cell.angle_gamma   90.00
#
_symmetry.space_group_name_H-M   'P 43 21 2'
#
loop_
_entity.id
_entity.type
_entity.pdbx_description
1 polymer 'Casein kinase II subunit alpha'
2 non-polymer 'SULFATE ION'
3 non-polymer '4-[6-(6-propan-2-yloxyindol-1-yl)pyrazin-2-yl]benzoic acid'
4 water water
#
_entity_poly.entity_id   1
_entity_poly.type   'polypeptide(L)'
_entity_poly.pdbx_seq_one_letter_code
;SMSGPVPSRARVYTDVNTHRPREYWDYESHVVEWGNQDDYQLVRKLGRGKYSEVFEAINITNNEKVVVKILKPVKKKKIK
REIKILENLRGGPNIITLADIVKDPVSRTPALVFEHVNNTDFKQLYQTLTDYDIRFYMYEILKALDYCHSMGIMHRDVKP
HNVMIDHEHRKLRLIDWGLAEFYHPGQEYNVRVASRYFKGPELLVDYQMYDYSLDMWSLGCMLASMIFRKEPFFHGHDNY
DQLVRIAKVLGTEDLYDYIDKYNIELDPRFNDILGRHSRKRWERFVHSENQHLVSPEALDFLDKLLRYDHQSRLTAREAM
EHPYFYTVVKDQARMGSS
;
_entity_poly.pdbx_strand_id   A,B
#
loop_
_chem_comp.id
_chem_comp.type
_chem_comp.name
_chem_comp.formula
SO4 non-polymer 'SULFATE ION' 'O4 S -2'
X5E non-polymer '4-[6-(6-propan-2-yloxyindol-1-yl)pyrazin-2-yl]benzoic acid' 'C22 H19 N3 O3'
#
# COMPACT_ATOMS: atom_id res chain seq x y z
N GLY A 4 0.99 31.80 18.48
CA GLY A 4 0.03 30.75 18.89
C GLY A 4 -0.23 29.73 17.77
N PRO A 5 -1.00 28.65 18.03
CA PRO A 5 -1.29 27.63 17.03
C PRO A 5 -2.16 28.16 15.88
N VAL A 6 -1.96 27.60 14.70
CA VAL A 6 -2.74 27.92 13.51
C VAL A 6 -4.13 27.31 13.70
N PRO A 7 -5.22 28.04 13.38
CA PRO A 7 -6.57 27.51 13.51
C PRO A 7 -6.87 26.43 12.46
N SER A 8 -7.93 25.68 12.70
CA SER A 8 -8.39 24.63 11.81
C SER A 8 -9.91 24.56 11.88
N ARG A 9 -10.51 24.14 10.76
CA ARG A 9 -11.94 23.85 10.60
C ARG A 9 -12.09 22.45 9.98
N ALA A 10 -13.16 21.75 10.37
CA ALA A 10 -13.55 20.52 9.69
C ALA A 10 -13.70 20.80 8.19
N ARG A 11 -13.22 19.87 7.36
CA ARG A 11 -13.38 19.88 5.91
C ARG A 11 -14.83 19.63 5.51
N VAL A 12 -15.55 18.88 6.33
CA VAL A 12 -16.93 18.51 6.03
C VAL A 12 -17.80 18.81 7.24
N TYR A 13 -19.09 19.02 6.96
CA TYR A 13 -20.10 19.23 7.99
C TYR A 13 -19.70 20.38 8.92
N THR A 14 -19.04 21.40 8.36
CA THR A 14 -18.35 22.41 9.14
C THR A 14 -19.34 23.24 9.96
N ASP A 15 -20.47 23.59 9.33
CA ASP A 15 -21.38 24.59 9.86
C ASP A 15 -22.75 24.00 10.19
N VAL A 16 -22.81 22.68 10.32
CA VAL A 16 -24.09 21.97 10.44
C VAL A 16 -24.85 22.43 11.67
N ASN A 17 -24.16 22.70 12.78
CA ASN A 17 -24.82 23.12 14.01
C ASN A 17 -25.23 24.60 13.96
N THR A 18 -24.45 25.39 13.22
CA THR A 18 -24.71 26.82 13.14
C THR A 18 -26.08 26.99 12.49
N HIS A 19 -26.39 26.10 11.53
CA HIS A 19 -27.62 26.18 10.73
C HIS A 19 -28.83 25.56 11.45
N ARG A 20 -28.63 24.85 12.56
CA ARG A 20 -29.70 24.26 13.34
C ARG A 20 -30.23 25.30 14.31
N PRO A 21 -31.49 25.13 14.75
CA PRO A 21 -31.98 25.90 15.89
C PRO A 21 -31.07 25.71 17.09
N ARG A 22 -30.90 26.78 17.88
CA ARG A 22 -29.98 26.77 19.03
C ARG A 22 -30.22 25.59 19.94
N GLU A 23 -31.50 25.27 20.18
CA GLU A 23 -31.85 24.21 21.11
C GLU A 23 -31.16 22.89 20.72
N TYR A 24 -30.84 22.67 19.43
CA TYR A 24 -30.24 21.41 19.00
C TYR A 24 -28.91 21.17 19.73
N TRP A 25 -28.09 22.22 19.85
CA TRP A 25 -26.74 22.07 20.35
C TRP A 25 -26.55 22.73 21.71
N ASP A 26 -27.52 23.54 22.14
CA ASP A 26 -27.29 24.32 23.36
C ASP A 26 -27.82 23.50 24.54
N TYR A 27 -27.14 22.39 24.84
CA TYR A 27 -27.68 21.36 25.70
C TYR A 27 -27.81 21.83 27.15
N GLU A 28 -27.07 22.88 27.55
CA GLU A 28 -27.18 23.41 28.90
C GLU A 28 -28.62 23.86 29.18
N SER A 29 -29.35 24.29 28.12
CA SER A 29 -30.74 24.77 28.27
C SER A 29 -31.75 23.64 28.19
N HIS A 30 -31.32 22.42 27.88
CA HIS A 30 -32.23 21.29 27.78
C HIS A 30 -32.82 20.97 29.16
N VAL A 31 -34.15 20.74 29.20
CA VAL A 31 -34.84 20.26 30.40
C VAL A 31 -35.11 18.76 30.27
N VAL A 32 -34.56 18.00 31.21
CA VAL A 32 -34.63 16.54 31.15
C VAL A 32 -36.04 16.13 31.57
N GLU A 33 -36.72 15.30 30.76
CA GLU A 33 -37.99 14.71 31.16
C GLU A 33 -37.71 13.36 31.81
N TRP A 34 -37.89 13.29 33.16
CA TRP A 34 -37.76 12.05 33.93
C TRP A 34 -38.98 11.14 33.88
N GLY A 35 -38.72 9.87 33.55
CA GLY A 35 -39.73 8.84 33.61
C GLY A 35 -39.74 8.22 35.01
N ASN A 36 -40.50 7.12 35.13
CA ASN A 36 -40.85 6.51 36.38
C ASN A 36 -39.93 5.30 36.61
N GLN A 37 -39.08 5.40 37.65
CA GLN A 37 -38.15 4.34 38.00
C GLN A 37 -38.86 3.02 38.29
N ASP A 38 -40.09 3.08 38.80
CA ASP A 38 -40.82 1.88 39.17
C ASP A 38 -41.21 1.05 37.95
N ASP A 39 -41.02 1.59 36.75
CA ASP A 39 -41.36 0.84 35.55
C ASP A 39 -40.32 -0.24 35.24
N TYR A 40 -39.13 -0.19 35.89
CA TYR A 40 -38.05 -1.12 35.63
C TYR A 40 -37.72 -1.93 36.89
N GLN A 41 -37.53 -3.25 36.69
CA GLN A 41 -36.92 -4.07 37.73
C GLN A 41 -35.57 -4.57 37.22
N LEU A 42 -34.52 -4.32 38.02
CA LEU A 42 -33.16 -4.79 37.69
C LEU A 42 -33.11 -6.31 37.84
N VAL A 43 -32.45 -6.96 36.84
CA VAL A 43 -32.28 -8.41 36.80
C VAL A 43 -30.85 -8.81 37.20
N ARG A 44 -29.82 -8.25 36.55
CA ARG A 44 -28.46 -8.64 36.85
C ARG A 44 -27.54 -7.53 36.37
N LYS A 45 -26.38 -7.47 37.04
CA LYS A 45 -25.33 -6.55 36.65
C LYS A 45 -24.60 -7.10 35.42
N LEU A 46 -24.36 -6.23 34.44
CA LEU A 46 -23.69 -6.59 33.19
C LEU A 46 -22.23 -6.14 33.16
N GLY A 47 -21.90 -5.04 33.83
CA GLY A 47 -20.58 -4.47 33.70
C GLY A 47 -20.49 -3.18 34.50
N ARG A 48 -19.27 -2.69 34.76
CA ARG A 48 -18.98 -1.45 35.48
C ARG A 48 -17.91 -0.67 34.71
N GLY A 49 -17.97 0.67 34.76
CA GLY A 49 -16.98 1.58 34.18
C GLY A 49 -16.47 2.55 35.24
N LYS A 50 -15.73 3.59 34.81
CA LYS A 50 -15.29 4.64 35.72
C LYS A 50 -16.52 5.38 36.26
N TYR A 51 -17.51 5.64 35.39
CA TYR A 51 -18.56 6.64 35.61
C TYR A 51 -19.99 6.05 35.58
N SER A 52 -20.13 4.71 35.51
CA SER A 52 -21.42 4.04 35.48
C SER A 52 -21.33 2.53 35.74
N GLU A 53 -22.50 1.98 36.12
CA GLU A 53 -22.78 0.57 36.29
C GLU A 53 -23.94 0.23 35.37
N VAL A 54 -23.83 -0.89 34.63
CA VAL A 54 -24.82 -1.30 33.64
C VAL A 54 -25.50 -2.58 34.09
N PHE A 55 -26.83 -2.58 34.06
CA PHE A 55 -27.68 -3.71 34.45
C PHE A 55 -28.63 -4.11 33.33
N GLU A 56 -28.93 -5.41 33.28
CA GLU A 56 -30.05 -5.87 32.50
C GLU A 56 -31.28 -5.70 33.37
N ALA A 57 -32.39 -5.22 32.76
CA ALA A 57 -33.59 -4.99 33.52
C ALA A 57 -34.76 -5.40 32.64
N ILE A 58 -35.94 -5.34 33.25
CA ILE A 58 -37.21 -5.59 32.57
C ILE A 58 -38.13 -4.39 32.78
N ASN A 59 -38.73 -3.91 31.69
CA ASN A 59 -39.79 -2.91 31.81
C ASN A 59 -41.08 -3.68 32.13
N ILE A 60 -41.60 -3.50 33.35
CA ILE A 60 -42.70 -4.33 33.83
C ILE A 60 -44.02 -3.88 33.21
N THR A 61 -44.06 -2.72 32.53
CA THR A 61 -45.29 -2.26 31.86
C THR A 61 -45.58 -3.12 30.64
N ASN A 62 -44.52 -3.59 29.96
CA ASN A 62 -44.67 -4.30 28.69
C ASN A 62 -43.74 -5.53 28.61
N ASN A 63 -43.03 -5.88 29.71
CA ASN A 63 -42.17 -7.07 29.80
C ASN A 63 -41.03 -7.06 28.77
N GLU A 64 -40.59 -5.87 28.30
CA GLU A 64 -39.43 -5.81 27.41
C GLU A 64 -38.13 -5.81 28.23
N LYS A 65 -37.13 -6.59 27.75
CA LYS A 65 -35.75 -6.53 28.25
C LYS A 65 -35.12 -5.20 27.82
N VAL A 66 -34.41 -4.54 28.73
CA VAL A 66 -33.85 -3.22 28.55
C VAL A 66 -32.52 -3.24 29.29
N VAL A 67 -31.68 -2.24 29.04
CA VAL A 67 -30.43 -2.05 29.77
C VAL A 67 -30.50 -0.72 30.50
N VAL A 68 -30.12 -0.70 31.78
CA VAL A 68 -30.08 0.51 32.60
C VAL A 68 -28.62 0.84 32.93
N LYS A 69 -28.19 2.04 32.57
CA LYS A 69 -26.88 2.57 32.90
C LYS A 69 -27.08 3.61 34.00
N ILE A 70 -26.70 3.23 35.23
CA ILE A 70 -26.80 4.08 36.40
C ILE A 70 -25.54 4.93 36.43
N LEU A 71 -25.67 6.26 36.38
CA LEU A 71 -24.48 7.12 36.33
C LEU A 71 -23.93 7.27 37.76
N LYS A 72 -22.59 7.12 37.90
CA LYS A 72 -21.87 7.71 39.04
C LYS A 72 -22.00 9.24 39.01
N PRO A 73 -21.75 9.97 40.11
CA PRO A 73 -21.91 11.42 40.11
C PRO A 73 -21.06 12.11 39.02
N VAL A 74 -21.75 12.85 38.14
CA VAL A 74 -21.18 13.73 37.13
C VAL A 74 -22.03 15.00 37.03
N LYS A 75 -21.36 16.08 36.58
CA LYS A 75 -21.99 17.40 36.43
C LYS A 75 -23.29 17.33 35.62
N LYS A 76 -24.36 18.07 35.99
CA LYS A 76 -25.62 18.03 35.27
C LYS A 76 -25.43 18.38 33.81
N LYS A 77 -24.46 19.25 33.48
CA LYS A 77 -24.26 19.68 32.10
C LYS A 77 -23.81 18.51 31.21
N LYS A 78 -22.93 17.65 31.77
CA LYS A 78 -22.40 16.51 31.03
C LYS A 78 -23.48 15.43 30.83
N ILE A 79 -24.39 15.24 31.78
CA ILE A 79 -25.52 14.34 31.62
C ILE A 79 -26.45 14.91 30.55
N LYS A 80 -26.74 16.23 30.60
CA LYS A 80 -27.60 16.85 29.59
C LYS A 80 -26.99 16.69 28.20
N ARG A 81 -25.66 16.85 28.10
CA ARG A 81 -24.99 16.72 26.81
C ARG A 81 -25.22 15.32 26.22
N GLU A 82 -25.00 14.28 27.02
CA GLU A 82 -25.14 12.91 26.55
C GLU A 82 -26.60 12.65 26.16
N ILE A 83 -27.55 13.09 26.98
CA ILE A 83 -28.97 12.89 26.68
C ILE A 83 -29.34 13.60 25.37
N LYS A 84 -28.93 14.86 25.22
CA LYS A 84 -29.28 15.63 24.04
C LYS A 84 -28.74 14.97 22.78
N ILE A 85 -27.48 14.53 22.84
CA ILE A 85 -26.86 13.88 21.70
C ILE A 85 -27.59 12.58 21.37
N LEU A 86 -27.91 11.76 22.39
CA LEU A 86 -28.62 10.51 22.14
C LEU A 86 -29.99 10.79 21.52
N GLU A 87 -30.68 11.84 21.97
CA GLU A 87 -31.99 12.18 21.43
C GLU A 87 -31.85 12.69 19.99
N ASN A 88 -30.83 13.51 19.72
CA ASN A 88 -30.63 14.05 18.38
C ASN A 88 -30.33 12.92 17.38
N LEU A 89 -29.61 11.87 17.84
CA LEU A 89 -29.13 10.81 16.97
C LEU A 89 -30.11 9.62 16.91
N ARG A 90 -31.15 9.62 17.75
CA ARG A 90 -32.10 8.53 17.85
C ARG A 90 -32.68 8.21 16.47
N GLY A 91 -32.70 6.92 16.10
CA GLY A 91 -33.16 6.52 14.79
C GLY A 91 -32.08 6.47 13.72
N GLY A 92 -30.89 7.00 14.01
CA GLY A 92 -29.82 7.01 13.03
C GLY A 92 -29.22 5.63 12.88
N PRO A 93 -28.55 5.37 11.74
CA PRO A 93 -27.99 4.04 11.48
C PRO A 93 -26.95 3.60 12.52
N ASN A 94 -27.27 2.47 13.15
CA ASN A 94 -26.39 1.80 14.09
C ASN A 94 -26.14 2.64 15.33
N ILE A 95 -26.98 3.62 15.64
CA ILE A 95 -26.85 4.34 16.90
C ILE A 95 -27.68 3.62 17.97
N ILE A 96 -27.11 3.35 19.15
CA ILE A 96 -27.90 2.82 20.27
C ILE A 96 -29.10 3.74 20.54
N THR A 97 -30.27 3.14 20.80
CA THR A 97 -31.48 3.87 21.13
C THR A 97 -31.65 4.06 22.63
N LEU A 98 -31.68 5.34 23.03
CA LEU A 98 -32.10 5.72 24.37
C LEU A 98 -33.61 5.63 24.47
N ALA A 99 -34.10 4.73 25.31
CA ALA A 99 -35.53 4.50 25.52
C ALA A 99 -36.12 5.39 26.63
N ASP A 100 -35.36 5.78 27.67
CA ASP A 100 -35.98 6.45 28.80
C ASP A 100 -34.89 6.94 29.72
N ILE A 101 -35.27 7.78 30.68
CA ILE A 101 -34.35 8.40 31.61
C ILE A 101 -35.06 8.43 32.94
N VAL A 102 -34.45 7.88 33.99
CA VAL A 102 -35.14 7.80 35.28
C VAL A 102 -34.20 8.24 36.39
N LYS A 103 -34.78 8.49 37.56
CA LYS A 103 -34.04 8.83 38.75
C LYS A 103 -34.54 7.87 39.84
N ASP A 104 -33.57 7.30 40.58
CA ASP A 104 -33.86 6.77 41.92
C ASP A 104 -34.37 7.91 42.82
N PRO A 105 -35.62 7.80 43.36
CA PRO A 105 -36.24 8.89 44.12
C PRO A 105 -35.51 9.23 45.43
N VAL A 106 -34.94 8.22 46.10
CA VAL A 106 -34.23 8.42 47.35
C VAL A 106 -32.83 8.98 47.09
N SER A 107 -32.00 8.27 46.32
CA SER A 107 -30.57 8.61 46.17
C SER A 107 -30.34 9.65 45.06
N ARG A 108 -31.39 9.94 44.29
CA ARG A 108 -31.37 10.99 43.27
C ARG A 108 -30.36 10.72 42.17
N THR A 109 -29.81 9.49 42.05
CA THR A 109 -28.91 9.11 40.96
C THR A 109 -29.69 8.90 39.63
N PRO A 110 -29.24 9.52 38.51
CA PRO A 110 -29.87 9.33 37.20
C PRO A 110 -29.42 8.06 36.47
N ALA A 111 -30.35 7.49 35.71
CA ALA A 111 -30.13 6.24 35.01
C ALA A 111 -30.66 6.42 33.59
N LEU A 112 -29.85 6.03 32.60
CA LEU A 112 -30.29 5.99 31.20
C LEU A 112 -30.76 4.58 30.86
N VAL A 113 -31.89 4.47 30.15
CA VAL A 113 -32.48 3.20 29.81
C VAL A 113 -32.36 3.02 28.31
N PHE A 114 -31.72 1.92 27.89
CA PHE A 114 -31.43 1.67 26.49
C PHE A 114 -32.16 0.41 26.02
N GLU A 115 -32.28 0.36 24.67
CA GLU A 115 -32.59 -0.87 23.93
C GLU A 115 -31.56 -1.94 24.33
N HIS A 116 -32.04 -3.20 24.46
CA HIS A 116 -31.19 -4.38 24.68
C HIS A 116 -30.59 -4.89 23.36
N VAL A 117 -29.26 -5.04 23.33
CA VAL A 117 -28.57 -5.68 22.23
C VAL A 117 -27.93 -6.96 22.78
N ASN A 118 -28.09 -8.05 22.05
CA ASN A 118 -27.52 -9.30 22.54
C ASN A 118 -26.05 -9.46 22.16
N ASN A 119 -25.13 -8.90 22.97
CA ASN A 119 -23.74 -8.69 22.59
C ASN A 119 -22.98 -10.01 22.70
N THR A 120 -22.11 -10.29 21.73
CA THR A 120 -21.18 -11.41 21.84
C THR A 120 -19.86 -10.78 22.27
N ASP A 121 -19.13 -11.46 23.18
CA ASP A 121 -17.95 -10.88 23.82
C ASP A 121 -16.96 -10.44 22.75
N PHE A 122 -16.73 -9.11 22.61
CA PHE A 122 -15.83 -8.58 21.59
C PHE A 122 -14.40 -9.03 21.89
N LYS A 123 -14.16 -9.48 23.13
CA LYS A 123 -12.91 -10.12 23.52
C LYS A 123 -12.91 -11.62 23.20
N GLN A 124 -13.98 -12.15 22.61
CA GLN A 124 -14.01 -13.51 22.06
C GLN A 124 -14.37 -13.48 20.57
N LEU A 125 -14.73 -12.29 20.05
CA LEU A 125 -15.32 -12.17 18.72
C LEU A 125 -14.25 -11.87 17.66
N TYR A 126 -13.01 -11.55 18.05
CA TYR A 126 -11.96 -11.17 17.10
C TYR A 126 -11.18 -12.37 16.58
N GLN A 127 -11.32 -13.53 17.24
CA GLN A 127 -10.68 -14.75 16.79
C GLN A 127 -11.57 -15.50 15.81
N THR A 128 -12.83 -15.05 15.67
CA THR A 128 -13.80 -15.68 14.77
C THR A 128 -13.92 -14.85 13.48
N LEU A 129 -13.50 -13.57 13.53
CA LEU A 129 -13.75 -12.65 12.43
C LEU A 129 -12.92 -13.04 11.21
N THR A 130 -13.63 -13.24 10.09
CA THR A 130 -13.03 -13.38 8.76
C THR A 130 -12.76 -12.00 8.17
N ASP A 131 -12.00 -12.00 7.07
CA ASP A 131 -11.72 -10.79 6.30
C ASP A 131 -13.02 -10.08 5.94
N TYR A 132 -14.00 -10.84 5.41
CA TYR A 132 -15.28 -10.26 5.03
C TYR A 132 -15.98 -9.65 6.24
N ASP A 133 -15.98 -10.37 7.37
CA ASP A 133 -16.65 -9.88 8.55
C ASP A 133 -16.08 -8.52 8.97
N ILE A 134 -14.75 -8.38 8.96
CA ILE A 134 -14.12 -7.13 9.36
C ILE A 134 -14.55 -6.00 8.43
N ARG A 135 -14.53 -6.23 7.13
CA ARG A 135 -14.99 -5.23 6.17
C ARG A 135 -16.44 -4.86 6.45
N PHE A 136 -17.30 -5.86 6.69
CA PHE A 136 -18.71 -5.63 6.92
C PHE A 136 -18.94 -4.76 8.16
N TYR A 137 -18.36 -5.16 9.29
CA TYR A 137 -18.56 -4.44 10.53
C TYR A 137 -17.92 -3.05 10.46
N MET A 138 -16.75 -2.91 9.83
CA MET A 138 -16.13 -1.60 9.64
C MET A 138 -17.10 -0.69 8.86
N TYR A 139 -17.74 -1.21 7.81
CA TYR A 139 -18.70 -0.43 7.02
C TYR A 139 -19.86 0.03 7.92
N GLU A 140 -20.35 -0.87 8.78
CA GLU A 140 -21.45 -0.56 9.69
C GLU A 140 -21.05 0.56 10.66
N ILE A 141 -19.80 0.52 11.18
CA ILE A 141 -19.33 1.58 12.07
C ILE A 141 -19.28 2.90 11.28
N LEU A 142 -18.78 2.85 10.03
CA LEU A 142 -18.68 4.04 9.22
C LEU A 142 -20.05 4.66 8.98
N LYS A 143 -21.11 3.84 8.81
CA LYS A 143 -22.45 4.41 8.66
C LYS A 143 -22.84 5.24 9.89
N ALA A 144 -22.54 4.73 11.10
CA ALA A 144 -22.85 5.45 12.33
C ALA A 144 -22.04 6.75 12.43
N LEU A 145 -20.75 6.70 12.09
CA LEU A 145 -19.88 7.86 12.17
C LEU A 145 -20.25 8.92 11.13
N ASP A 146 -20.50 8.52 9.87
CA ASP A 146 -20.94 9.51 8.90
C ASP A 146 -22.22 10.17 9.39
N TYR A 147 -23.12 9.36 9.94
CA TYR A 147 -24.39 9.91 10.41
C TYR A 147 -24.14 10.92 11.53
N CYS A 148 -23.43 10.53 12.59
CA CYS A 148 -23.28 11.43 13.71
C CYS A 148 -22.48 12.66 13.32
N HIS A 149 -21.43 12.51 12.50
CA HIS A 149 -20.70 13.67 12.00
C HIS A 149 -21.63 14.61 11.21
N SER A 150 -22.48 14.03 10.35
CA SER A 150 -23.40 14.82 9.54
C SER A 150 -24.40 15.58 10.43
N MET A 151 -24.64 15.04 11.63
CA MET A 151 -25.54 15.60 12.62
C MET A 151 -24.78 16.49 13.60
N GLY A 152 -23.52 16.81 13.28
CA GLY A 152 -22.77 17.81 14.04
C GLY A 152 -22.17 17.26 15.34
N ILE A 153 -21.94 15.95 15.44
CA ILE A 153 -21.51 15.32 16.67
C ILE A 153 -20.23 14.50 16.43
N MET A 154 -19.22 14.70 17.30
CA MET A 154 -18.04 13.85 17.39
C MET A 154 -18.25 12.84 18.52
N HIS A 155 -17.98 11.55 18.27
CA HIS A 155 -18.13 10.57 19.34
C HIS A 155 -17.02 10.71 20.40
N ARG A 156 -15.77 10.74 19.93
CA ARG A 156 -14.57 11.03 20.71
C ARG A 156 -14.17 9.85 21.60
N ASP A 157 -14.78 8.68 21.43
CA ASP A 157 -14.43 7.53 22.25
C ASP A 157 -14.68 6.23 21.45
N VAL A 158 -14.32 6.25 20.16
CA VAL A 158 -14.47 5.09 19.33
C VAL A 158 -13.41 4.06 19.72
N LYS A 159 -13.87 2.84 20.00
CA LYS A 159 -13.02 1.72 20.39
C LYS A 159 -13.89 0.49 20.51
N PRO A 160 -13.30 -0.73 20.51
CA PRO A 160 -14.07 -1.97 20.49
C PRO A 160 -15.10 -2.10 21.61
N HIS A 161 -14.78 -1.63 22.81
CA HIS A 161 -15.71 -1.72 23.93
C HIS A 161 -17.00 -0.95 23.68
N ASN A 162 -16.94 0.06 22.80
CA ASN A 162 -18.08 0.94 22.53
C ASN A 162 -18.78 0.54 21.23
N VAL A 163 -18.50 -0.67 20.71
CA VAL A 163 -19.21 -1.25 19.59
C VAL A 163 -19.85 -2.57 20.04
N MET A 164 -21.16 -2.60 20.12
CA MET A 164 -21.85 -3.82 20.44
C MET A 164 -22.18 -4.55 19.14
N ILE A 165 -21.95 -5.88 19.10
CA ILE A 165 -22.27 -6.69 17.92
C ILE A 165 -23.14 -7.88 18.33
N ASP A 166 -24.32 -7.99 17.72
CA ASP A 166 -25.12 -9.19 17.78
C ASP A 166 -24.80 -9.98 16.53
N HIS A 167 -23.81 -10.89 16.61
CA HIS A 167 -23.30 -11.56 15.42
C HIS A 167 -24.38 -12.37 14.68
N GLU A 168 -25.24 -13.08 15.41
CA GLU A 168 -26.31 -13.91 14.82
C GLU A 168 -27.19 -13.09 13.88
N HIS A 169 -27.41 -11.83 14.24
CA HIS A 169 -28.29 -10.97 13.46
C HIS A 169 -27.49 -9.99 12.61
N ARG A 170 -26.15 -10.13 12.56
CA ARG A 170 -25.28 -9.22 11.81
C ARG A 170 -25.65 -7.76 12.12
N LYS A 171 -25.83 -7.49 13.41
CA LYS A 171 -26.32 -6.21 13.90
C LYS A 171 -25.25 -5.54 14.76
N LEU A 172 -25.08 -4.23 14.57
CA LEU A 172 -24.04 -3.49 15.29
C LEU A 172 -24.59 -2.19 15.84
N ARG A 173 -24.19 -1.80 17.05
CA ARG A 173 -24.58 -0.50 17.60
C ARG A 173 -23.37 0.18 18.22
N LEU A 174 -23.21 1.47 17.92
CA LEU A 174 -22.24 2.35 18.55
C LEU A 174 -22.85 2.94 19.83
N ILE A 175 -22.16 2.69 20.96
CA ILE A 175 -22.65 3.01 22.29
C ILE A 175 -21.70 3.99 22.98
N ASP A 176 -22.09 4.36 24.21
CA ASP A 176 -21.32 5.20 25.13
C ASP A 176 -20.98 6.54 24.51
N TRP A 177 -22.03 7.37 24.44
CA TRP A 177 -21.99 8.72 23.93
C TRP A 177 -21.63 9.73 25.02
N GLY A 178 -21.12 9.24 26.15
CA GLY A 178 -20.82 10.07 27.33
C GLY A 178 -19.70 11.08 27.13
N LEU A 179 -18.83 10.87 26.13
CA LEU A 179 -17.72 11.77 25.83
C LEU A 179 -18.00 12.58 24.57
N ALA A 180 -19.11 12.32 23.87
CA ALA A 180 -19.42 12.96 22.60
C ALA A 180 -19.71 14.46 22.82
N GLU A 181 -19.47 15.24 21.76
CA GLU A 181 -19.54 16.70 21.82
C GLU A 181 -20.01 17.19 20.45
N PHE A 182 -20.67 18.36 20.46
CA PHE A 182 -21.07 19.07 19.24
C PHE A 182 -19.86 19.77 18.63
N TYR A 183 -19.72 19.68 17.30
CA TYR A 183 -18.67 20.37 16.56
C TYR A 183 -19.11 21.80 16.21
N HIS A 184 -18.28 22.77 16.62
CA HIS A 184 -18.50 24.18 16.34
C HIS A 184 -17.21 24.72 15.78
N PRO A 185 -17.21 25.35 14.60
CA PRO A 185 -15.97 25.88 14.02
C PRO A 185 -15.29 26.88 14.95
N GLY A 186 -14.00 26.68 15.23
CA GLY A 186 -13.28 27.58 16.11
C GLY A 186 -13.18 27.09 17.55
N GLN A 187 -13.98 26.11 17.95
CA GLN A 187 -14.05 25.73 19.34
C GLN A 187 -12.81 24.91 19.70
N GLU A 188 -12.25 25.25 20.88
CA GLU A 188 -11.15 24.58 21.52
C GLU A 188 -11.68 23.57 22.53
N TYR A 189 -11.41 22.29 22.24
CA TYR A 189 -11.94 21.16 22.99
C TYR A 189 -10.91 20.65 24.00
N ASN A 190 -11.43 19.87 24.96
CA ASN A 190 -10.61 19.18 25.93
C ASN A 190 -9.86 18.06 25.23
N VAL A 191 -8.53 18.01 25.42
CA VAL A 191 -7.74 16.94 24.81
C VAL A 191 -7.74 15.69 25.71
N ARG A 192 -8.26 15.79 26.94
CA ARG A 192 -8.22 14.67 27.89
C ARG A 192 -9.47 13.82 27.65
N VAL A 193 -9.55 13.22 26.46
CA VAL A 193 -10.65 12.35 26.08
C VAL A 193 -10.04 11.13 25.42
N ALA A 194 -10.83 10.06 25.37
CA ALA A 194 -10.54 8.82 24.66
C ALA A 194 -9.55 7.97 25.44
N SER A 195 -9.55 6.68 25.13
CA SER A 195 -8.63 5.76 25.75
C SER A 195 -7.26 5.96 25.11
N ARG A 196 -6.21 5.83 25.93
CA ARG A 196 -4.82 6.07 25.53
C ARG A 196 -4.51 5.48 24.16
N TYR A 197 -4.85 4.21 23.94
CA TYR A 197 -4.40 3.49 22.76
C TYR A 197 -5.04 4.04 21.49
N PHE A 198 -6.14 4.80 21.65
CA PHE A 198 -6.95 5.27 20.53
C PHE A 198 -6.83 6.78 20.35
N LYS A 199 -6.02 7.45 21.18
CA LYS A 199 -5.92 8.89 21.12
C LYS A 199 -5.22 9.34 19.84
N GLY A 200 -5.82 10.32 19.17
CA GLY A 200 -5.22 10.93 17.99
C GLY A 200 -4.00 11.77 18.34
N PRO A 201 -3.06 11.93 17.39
CA PRO A 201 -1.92 12.81 17.58
C PRO A 201 -2.32 14.20 18.05
N GLU A 202 -3.45 14.72 17.58
CA GLU A 202 -3.89 16.06 17.98
C GLU A 202 -4.06 16.12 19.51
N LEU A 203 -4.59 15.06 20.11
CA LEU A 203 -4.77 15.06 21.55
C LEU A 203 -3.41 15.03 22.24
N LEU A 204 -2.51 14.20 21.71
CA LEU A 204 -1.23 13.92 22.36
C LEU A 204 -0.31 15.14 22.32
N VAL A 205 -0.44 15.98 21.28
CA VAL A 205 0.38 17.20 21.16
C VAL A 205 -0.37 18.41 21.70
N ASP A 206 -1.60 18.24 22.23
CA ASP A 206 -2.37 19.33 22.85
C ASP A 206 -2.81 20.36 21.79
N TYR A 207 -3.32 19.88 20.64
CA TYR A 207 -3.97 20.73 19.65
C TYR A 207 -5.47 20.65 19.88
N GLN A 208 -6.05 21.75 20.36
CA GLN A 208 -7.40 21.71 20.90
C GLN A 208 -8.49 21.92 19.84
N MET A 209 -8.15 22.51 18.68
CA MET A 209 -9.13 22.90 17.67
C MET A 209 -9.32 21.73 16.70
N TYR A 210 -9.67 20.57 17.26
CA TYR A 210 -9.83 19.34 16.50
C TYR A 210 -11.29 19.18 16.06
N ASP A 211 -11.61 18.09 15.37
CA ASP A 211 -12.94 17.91 14.80
C ASP A 211 -13.27 16.43 14.64
N TYR A 212 -14.27 16.13 13.80
CA TYR A 212 -14.79 14.79 13.55
C TYR A 212 -13.67 13.81 13.18
N SER A 213 -12.61 14.33 12.55
CA SER A 213 -11.51 13.51 12.05
C SER A 213 -10.81 12.74 13.18
N LEU A 214 -10.95 13.18 14.44
CA LEU A 214 -10.46 12.43 15.58
C LEU A 214 -10.99 11.00 15.55
N ASP A 215 -12.29 10.87 15.24
CA ASP A 215 -12.95 9.57 15.25
C ASP A 215 -12.33 8.65 14.21
N MET A 216 -11.87 9.24 13.10
CA MET A 216 -11.31 8.46 11.99
C MET A 216 -9.93 7.89 12.35
N TRP A 217 -9.15 8.62 13.16
CA TRP A 217 -7.92 8.08 13.70
C TRP A 217 -8.23 6.86 14.57
N SER A 218 -9.16 7.03 15.51
CA SER A 218 -9.52 5.95 16.43
C SER A 218 -9.95 4.71 15.63
N LEU A 219 -10.76 4.95 14.58
CA LEU A 219 -11.23 3.86 13.73
C LEU A 219 -10.03 3.15 13.09
N GLY A 220 -9.07 3.93 12.56
CA GLY A 220 -7.87 3.35 11.98
C GLY A 220 -7.13 2.46 12.99
N CYS A 221 -7.06 2.90 14.24
CA CYS A 221 -6.42 2.11 15.29
C CYS A 221 -7.12 0.77 15.46
N MET A 222 -8.46 0.80 15.44
CA MET A 222 -9.26 -0.42 15.55
C MET A 222 -8.95 -1.35 14.37
N LEU A 223 -8.98 -0.78 13.15
CA LEU A 223 -8.76 -1.58 11.95
C LEU A 223 -7.39 -2.26 12.02
N ALA A 224 -6.34 -1.51 12.38
CA ALA A 224 -5.00 -2.06 12.48
C ALA A 224 -4.98 -3.24 13.45
N SER A 225 -5.63 -3.05 14.62
CA SER A 225 -5.60 -4.11 15.63
C SER A 225 -6.28 -5.38 15.11
N MET A 226 -7.33 -5.24 14.29
CA MET A 226 -8.10 -6.37 13.80
C MET A 226 -7.35 -7.08 12.67
N ILE A 227 -6.86 -6.36 11.64
CA ILE A 227 -6.24 -7.01 10.48
C ILE A 227 -4.88 -7.59 10.86
N PHE A 228 -4.20 -6.98 11.85
CA PHE A 228 -2.87 -7.43 12.20
C PHE A 228 -2.89 -8.35 13.43
N ARG A 229 -4.05 -8.53 14.06
CA ARG A 229 -4.18 -9.33 15.28
C ARG A 229 -3.17 -8.85 16.31
N LYS A 230 -3.26 -7.55 16.62
CA LYS A 230 -2.37 -6.90 17.55
C LYS A 230 -3.19 -5.85 18.30
N GLU A 231 -3.62 -6.22 19.49
CA GLU A 231 -4.48 -5.38 20.32
C GLU A 231 -3.75 -5.07 21.61
N PRO A 232 -3.46 -3.79 21.94
CA PRO A 232 -3.71 -2.62 21.06
C PRO A 232 -2.61 -2.54 19.98
N PHE A 233 -2.84 -1.77 18.92
CA PHE A 233 -1.84 -1.66 17.88
C PHE A 233 -0.69 -0.75 18.31
N PHE A 234 -1.04 0.47 18.75
CA PHE A 234 -0.11 1.41 19.34
C PHE A 234 -0.20 1.28 20.86
N HIS A 235 0.76 0.56 21.45
CA HIS A 235 0.71 0.19 22.87
C HIS A 235 1.60 1.11 23.69
N GLY A 236 1.17 2.35 23.98
CA GLY A 236 2.01 3.26 24.74
C GLY A 236 1.91 3.04 26.25
N HIS A 237 2.97 3.42 26.97
CA HIS A 237 3.03 3.25 28.41
C HIS A 237 2.32 4.38 29.13
N ASP A 238 2.23 5.54 28.48
CA ASP A 238 1.56 6.72 29.00
C ASP A 238 1.30 7.61 27.80
N ASN A 239 0.83 8.85 28.00
CA ASN A 239 0.40 9.66 26.85
C ASN A 239 1.60 10.09 26.01
N TYR A 240 2.76 10.26 26.66
CA TYR A 240 3.97 10.69 25.95
C TYR A 240 4.49 9.55 25.09
N ASP A 241 4.67 8.39 25.73
CA ASP A 241 5.11 7.19 25.05
C ASP A 241 4.10 6.78 23.99
N GLN A 242 2.82 7.12 24.14
CA GLN A 242 1.84 6.81 23.10
C GLN A 242 2.25 7.48 21.79
N LEU A 243 2.64 8.75 21.83
CA LEU A 243 3.06 9.44 20.61
C LEU A 243 4.35 8.81 20.07
N VAL A 244 5.25 8.36 20.96
CA VAL A 244 6.47 7.68 20.53
C VAL A 244 6.11 6.41 19.76
N ARG A 245 5.15 5.63 20.24
CA ARG A 245 4.79 4.39 19.58
C ARG A 245 4.23 4.70 18.19
N ILE A 246 3.43 5.75 18.06
CA ILE A 246 2.91 6.17 16.76
C ILE A 246 4.07 6.56 15.86
N ALA A 247 5.01 7.37 16.38
CA ALA A 247 6.14 7.89 15.61
C ALA A 247 7.04 6.78 15.09
N LYS A 248 7.13 5.67 15.83
CA LYS A 248 7.97 4.54 15.40
C LYS A 248 7.35 3.86 14.18
N VAL A 249 6.08 4.13 13.89
CA VAL A 249 5.40 3.54 12.73
C VAL A 249 5.24 4.58 11.61
N LEU A 250 4.58 5.69 11.92
CA LEU A 250 4.30 6.73 10.93
C LEU A 250 5.54 7.57 10.61
N GLY A 251 6.56 7.49 11.46
CA GLY A 251 7.80 8.24 11.28
C GLY A 251 7.75 9.62 11.92
N THR A 252 8.94 10.14 12.25
CA THR A 252 9.05 11.46 12.86
C THR A 252 9.02 12.58 11.83
N GLU A 253 9.38 12.34 10.55
CA GLU A 253 9.43 13.45 9.59
C GLU A 253 8.04 14.10 9.46
N ASP A 254 6.99 13.24 9.31
CA ASP A 254 5.63 13.73 9.10
C ASP A 254 5.10 14.35 10.39
N LEU A 255 5.55 13.85 11.55
CA LEU A 255 5.13 14.39 12.84
C LEU A 255 5.60 15.84 12.96
N TYR A 256 6.89 16.08 12.70
CA TYR A 256 7.46 17.40 12.79
C TYR A 256 6.87 18.30 11.71
N ASP A 257 6.52 17.74 10.52
CA ASP A 257 5.83 18.54 9.50
C ASP A 257 4.49 19.07 10.01
N TYR A 258 3.74 18.21 10.71
CA TYR A 258 2.41 18.50 11.28
C TYR A 258 2.56 19.60 12.32
N ILE A 259 3.54 19.43 13.23
CA ILE A 259 3.73 20.40 14.30
C ILE A 259 4.11 21.75 13.68
N ASP A 260 4.96 21.74 12.64
CA ASP A 260 5.31 22.99 11.97
C ASP A 260 4.09 23.65 11.33
N LYS A 261 3.29 22.86 10.63
CA LYS A 261 2.15 23.39 9.86
C LYS A 261 1.17 24.12 10.77
N TYR A 262 0.93 23.55 11.96
CA TYR A 262 -0.06 24.11 12.88
C TYR A 262 0.60 24.98 13.94
N ASN A 263 1.92 25.21 13.86
CA ASN A 263 2.67 26.00 14.83
C ASN A 263 2.35 25.53 16.24
N ILE A 264 2.41 24.21 16.42
CA ILE A 264 2.14 23.61 17.72
C ILE A 264 3.38 23.71 18.60
N GLU A 265 3.20 24.12 19.86
CA GLU A 265 4.30 24.21 20.83
C GLU A 265 4.38 22.87 21.56
N LEU A 266 5.44 22.12 21.26
CA LEU A 266 5.54 20.75 21.72
C LEU A 266 6.08 20.79 23.14
N ASP A 267 5.47 20.01 24.05
CA ASP A 267 5.97 19.85 25.41
C ASP A 267 7.45 19.50 25.33
N PRO A 268 8.36 20.20 26.05
CA PRO A 268 9.78 19.84 26.06
C PRO A 268 10.09 18.38 26.43
N ARG A 269 9.26 17.77 27.29
CA ARG A 269 9.36 16.37 27.68
C ARG A 269 9.56 15.49 26.44
N PHE A 270 8.84 15.80 25.36
CA PHE A 270 8.89 15.02 24.13
C PHE A 270 10.26 15.04 23.46
N ASN A 271 11.04 16.11 23.60
CA ASN A 271 12.28 16.27 22.86
C ASN A 271 13.28 15.14 23.19
N ASP A 272 13.22 14.66 24.42
CA ASP A 272 14.10 13.58 24.84
C ASP A 272 13.71 12.27 24.13
N ILE A 273 12.41 11.97 24.00
CA ILE A 273 11.99 10.58 23.82
C ILE A 273 11.57 10.29 22.36
N LEU A 274 11.20 11.30 21.57
CA LEU A 274 10.65 11.12 20.23
C LEU A 274 11.72 10.59 19.27
N GLY A 275 12.94 11.12 19.38
CA GLY A 275 14.03 10.72 18.51
C GLY A 275 13.75 10.97 17.02
N ARG A 276 14.30 10.09 16.17
CA ARG A 276 14.13 10.14 14.74
C ARG A 276 13.78 8.73 14.31
N HIS A 277 12.70 8.58 13.54
CA HIS A 277 12.22 7.28 13.11
C HIS A 277 11.77 7.38 11.67
N SER A 278 12.12 6.36 10.89
CA SER A 278 11.60 6.19 9.55
C SER A 278 10.12 5.83 9.56
N ARG A 279 9.41 6.20 8.48
CA ARG A 279 8.05 5.70 8.25
C ARG A 279 8.18 4.24 7.81
N LYS A 280 7.49 3.34 8.51
CA LYS A 280 7.58 1.90 8.26
C LYS A 280 6.56 1.51 7.20
N ARG A 281 6.92 0.52 6.41
CA ARG A 281 5.93 -0.16 5.58
C ARG A 281 5.09 -1.09 6.46
N TRP A 282 3.79 -1.15 6.14
CA TRP A 282 2.80 -1.97 6.83
C TRP A 282 3.12 -3.46 6.76
N GLU A 283 3.97 -3.84 5.81
CA GLU A 283 4.35 -5.24 5.64
C GLU A 283 5.06 -5.83 6.86
N ARG A 284 5.62 -4.98 7.74
CA ARG A 284 6.39 -5.47 8.87
C ARG A 284 5.48 -6.05 9.96
N PHE A 285 4.16 -5.79 9.89
CA PHE A 285 3.18 -6.28 10.86
C PHE A 285 2.47 -7.52 10.30
N VAL A 286 2.73 -7.92 9.06
CA VAL A 286 2.05 -9.05 8.44
C VAL A 286 2.80 -10.32 8.80
N HIS A 287 2.07 -11.39 9.12
CA HIS A 287 2.62 -12.68 9.48
C HIS A 287 1.63 -13.76 9.02
N SER A 288 2.05 -15.04 9.08
CA SER A 288 1.23 -16.14 8.59
C SER A 288 -0.12 -16.25 9.30
N GLU A 289 -0.21 -15.79 10.57
CA GLU A 289 -1.43 -15.83 11.38
C GLU A 289 -2.48 -14.79 10.94
N ASN A 290 -2.04 -13.62 10.42
CA ASN A 290 -2.94 -12.52 10.13
C ASN A 290 -3.06 -12.27 8.62
N GLN A 291 -2.32 -12.99 7.81
CA GLN A 291 -2.18 -12.69 6.39
C GLN A 291 -3.51 -12.81 5.67
N HIS A 292 -4.39 -13.68 6.17
CA HIS A 292 -5.69 -13.90 5.54
C HIS A 292 -6.61 -12.67 5.69
N LEU A 293 -6.24 -11.72 6.56
CA LEU A 293 -7.03 -10.52 6.84
C LEU A 293 -6.50 -9.32 6.07
N VAL A 294 -5.30 -9.45 5.48
CA VAL A 294 -4.53 -8.31 4.98
C VAL A 294 -4.54 -8.39 3.46
N SER A 295 -4.89 -7.29 2.83
CA SER A 295 -4.90 -7.15 1.39
C SER A 295 -4.30 -5.80 1.07
N PRO A 296 -3.85 -5.58 -0.19
CA PRO A 296 -3.51 -4.25 -0.65
C PRO A 296 -4.57 -3.19 -0.31
N GLU A 297 -5.85 -3.58 -0.50
CA GLU A 297 -6.94 -2.67 -0.23
C GLU A 297 -6.98 -2.29 1.24
N ALA A 298 -6.84 -3.28 2.14
CA ALA A 298 -6.89 -3.02 3.56
C ALA A 298 -5.77 -2.06 3.95
N LEU A 299 -4.57 -2.27 3.40
CA LEU A 299 -3.43 -1.45 3.77
C LEU A 299 -3.55 -0.03 3.22
N ASP A 300 -4.10 0.11 2.00
CA ASP A 300 -4.31 1.41 1.40
C ASP A 300 -5.29 2.22 2.26
N PHE A 301 -6.38 1.56 2.65
CA PHE A 301 -7.43 2.17 3.47
C PHE A 301 -6.85 2.59 4.82
N LEU A 302 -6.14 1.67 5.49
CA LEU A 302 -5.55 1.95 6.79
C LEU A 302 -4.61 3.16 6.72
N ASP A 303 -3.78 3.20 5.66
CA ASP A 303 -2.80 4.27 5.45
C ASP A 303 -3.49 5.63 5.40
N LYS A 304 -4.72 5.66 4.85
CA LYS A 304 -5.46 6.88 4.61
C LYS A 304 -6.27 7.33 5.83
N LEU A 305 -6.39 6.46 6.85
CA LEU A 305 -6.96 6.82 8.14
C LEU A 305 -5.88 7.31 9.10
N LEU A 306 -4.76 6.58 9.18
CA LEU A 306 -3.71 6.87 10.13
C LEU A 306 -2.75 7.94 9.60
N ARG A 307 -3.21 9.21 9.60
CA ARG A 307 -2.38 10.36 9.27
C ARG A 307 -2.30 11.28 10.48
N TYR A 308 -1.11 11.81 10.77
CA TYR A 308 -0.94 12.86 11.78
C TYR A 308 -1.88 14.03 11.51
N ASP A 309 -1.83 14.56 10.28
CA ASP A 309 -2.60 15.73 9.91
C ASP A 309 -4.07 15.31 9.81
N HIS A 310 -4.85 15.75 10.80
CA HIS A 310 -6.27 15.44 10.89
C HIS A 310 -7.00 15.83 9.59
N GLN A 311 -6.55 16.91 8.92
CA GLN A 311 -7.22 17.37 7.70
C GLN A 311 -7.02 16.38 6.53
N SER A 312 -5.99 15.53 6.57
CA SER A 312 -5.69 14.68 5.43
C SER A 312 -6.30 13.29 5.62
N ARG A 313 -6.92 12.98 6.79
CA ARG A 313 -7.57 11.67 6.97
C ARG A 313 -8.80 11.59 6.09
N LEU A 314 -9.13 10.38 5.63
CA LEU A 314 -10.42 10.14 5.00
C LEU A 314 -11.56 10.61 5.90
N THR A 315 -12.59 11.18 5.27
CA THR A 315 -13.87 11.36 5.94
C THR A 315 -14.57 10.01 5.98
N ALA A 316 -15.60 9.90 6.85
CA ALA A 316 -16.39 8.68 6.89
C ALA A 316 -16.98 8.34 5.51
N ARG A 317 -17.49 9.35 4.78
CA ARG A 317 -18.16 9.08 3.51
C ARG A 317 -17.13 8.66 2.46
N GLU A 318 -15.93 9.26 2.48
CA GLU A 318 -14.84 8.84 1.59
C GLU A 318 -14.43 7.40 1.89
N ALA A 319 -14.30 7.07 3.18
CA ALA A 319 -13.89 5.73 3.62
C ALA A 319 -14.85 4.66 3.07
N MET A 320 -16.14 4.98 3.10
CA MET A 320 -17.19 4.07 2.66
C MET A 320 -17.10 3.80 1.16
N GLU A 321 -16.44 4.70 0.40
CA GLU A 321 -16.31 4.58 -1.05
C GLU A 321 -15.02 3.84 -1.41
N HIS A 322 -14.20 3.48 -0.42
CA HIS A 322 -12.92 2.84 -0.68
C HIS A 322 -13.12 1.43 -1.22
N PRO A 323 -12.25 0.99 -2.17
CA PRO A 323 -12.28 -0.39 -2.69
C PRO A 323 -12.34 -1.51 -1.65
N TYR A 324 -11.82 -1.31 -0.43
CA TYR A 324 -11.93 -2.31 0.62
C TYR A 324 -13.40 -2.75 0.82
N PHE A 325 -14.37 -1.86 0.55
CA PHE A 325 -15.76 -2.17 0.82
C PHE A 325 -16.56 -2.53 -0.44
N TYR A 326 -15.92 -2.69 -1.61
CA TYR A 326 -16.68 -2.98 -2.83
C TYR A 326 -17.55 -4.23 -2.66
N THR A 327 -17.02 -5.30 -2.06
CA THR A 327 -17.80 -6.55 -1.92
C THR A 327 -19.00 -6.30 -0.99
N VAL A 328 -18.78 -5.59 0.13
CA VAL A 328 -19.86 -5.31 1.07
C VAL A 328 -20.97 -4.53 0.35
N VAL A 329 -20.60 -3.50 -0.41
CA VAL A 329 -21.57 -2.62 -1.04
C VAL A 329 -22.40 -3.45 -2.03
N LYS A 330 -21.75 -4.34 -2.77
CA LYS A 330 -22.40 -5.10 -3.84
C LYS A 330 -23.49 -5.99 -3.26
N ASP A 331 -23.30 -6.50 -2.04
CA ASP A 331 -24.24 -7.42 -1.41
C ASP A 331 -25.42 -6.67 -0.80
N GLN A 332 -25.18 -5.42 -0.34
CA GLN A 332 -26.21 -4.65 0.35
C GLN A 332 -27.28 -4.16 -0.62
N ALA A 333 -27.22 -4.59 -1.89
CA ALA A 333 -28.33 -4.43 -2.82
C ALA A 333 -28.27 -5.54 -3.88
N SER B 3 36.15 -4.74 5.71
CA SER B 3 36.82 -3.76 4.84
C SER B 3 36.04 -3.62 3.54
N GLY B 4 36.09 -4.63 2.66
CA GLY B 4 35.38 -4.60 1.38
C GLY B 4 33.87 -4.73 1.55
N PRO B 5 33.10 -4.75 0.43
CA PRO B 5 31.66 -4.97 0.49
C PRO B 5 31.29 -6.36 0.98
N VAL B 6 30.13 -6.46 1.63
CA VAL B 6 29.58 -7.72 2.11
C VAL B 6 29.07 -8.50 0.90
N PRO B 7 29.36 -9.82 0.81
CA PRO B 7 28.87 -10.65 -0.28
C PRO B 7 27.36 -10.83 -0.27
N SER B 8 26.82 -11.29 -1.39
CA SER B 8 25.41 -11.56 -1.54
C SER B 8 25.25 -12.72 -2.52
N ARG B 9 24.13 -13.44 -2.37
CA ARG B 9 23.71 -14.55 -3.23
C ARG B 9 22.24 -14.34 -3.61
N ALA B 10 21.85 -14.94 -4.73
CA ALA B 10 20.43 -14.90 -5.14
C ALA B 10 19.59 -15.73 -4.16
N ARG B 11 18.38 -15.24 -3.84
CA ARG B 11 17.48 -15.99 -2.93
C ARG B 11 16.92 -17.20 -3.67
N VAL B 12 16.91 -17.14 -5.01
CA VAL B 12 16.35 -18.22 -5.80
C VAL B 12 17.27 -18.53 -6.95
N TYR B 13 17.17 -19.78 -7.44
CA TYR B 13 17.89 -20.23 -8.62
C TYR B 13 19.39 -20.01 -8.44
N THR B 14 19.88 -20.16 -7.20
CA THR B 14 21.22 -19.72 -6.84
C THR B 14 22.28 -20.54 -7.57
N ASP B 15 22.05 -21.85 -7.66
CA ASP B 15 23.10 -22.79 -8.06
C ASP B 15 22.72 -23.52 -9.35
N VAL B 16 21.76 -22.96 -10.08
CA VAL B 16 21.15 -23.64 -11.22
C VAL B 16 22.20 -23.98 -12.28
N ASN B 17 23.15 -23.07 -12.50
CA ASN B 17 24.19 -23.27 -13.50
C ASN B 17 25.24 -24.29 -13.05
N THR B 18 25.51 -24.30 -11.74
CA THR B 18 26.51 -25.20 -11.18
C THR B 18 26.06 -26.64 -11.46
N HIS B 19 24.75 -26.91 -11.42
CA HIS B 19 24.18 -28.25 -11.60
C HIS B 19 24.00 -28.62 -13.08
N ARG B 20 24.24 -27.68 -14.01
CA ARG B 20 24.17 -27.98 -15.43
C ARG B 20 25.54 -28.49 -15.88
N PRO B 21 25.60 -29.23 -17.00
CA PRO B 21 26.87 -29.48 -17.63
C PRO B 21 27.59 -28.16 -17.95
N ARG B 22 28.92 -28.19 -17.86
CA ARG B 22 29.75 -27.01 -18.04
C ARG B 22 29.43 -26.32 -19.36
N GLU B 23 29.18 -27.09 -20.43
CA GLU B 23 28.92 -26.52 -21.75
C GLU B 23 27.74 -25.54 -21.73
N TYR B 24 26.78 -25.69 -20.80
CA TYR B 24 25.61 -24.83 -20.76
C TYR B 24 26.02 -23.38 -20.57
N TRP B 25 26.97 -23.13 -19.67
CA TRP B 25 27.31 -21.78 -19.25
C TRP B 25 28.71 -21.38 -19.72
N ASP B 26 29.50 -22.33 -20.21
CA ASP B 26 30.89 -22.03 -20.54
C ASP B 26 30.92 -21.63 -22.01
N TYR B 27 30.35 -20.44 -22.29
CA TYR B 27 30.01 -20.06 -23.67
C TYR B 27 31.27 -19.82 -24.50
N GLU B 28 32.40 -19.52 -23.86
CA GLU B 28 33.64 -19.31 -24.62
C GLU B 28 33.99 -20.55 -25.42
N SER B 29 33.59 -21.75 -24.96
CA SER B 29 33.86 -23.03 -25.62
C SER B 29 32.90 -23.30 -26.79
N HIS B 30 31.81 -22.54 -26.88
CA HIS B 30 30.77 -22.81 -27.87
C HIS B 30 31.32 -22.58 -29.28
N VAL B 31 31.04 -23.54 -30.19
CA VAL B 31 31.40 -23.48 -31.60
C VAL B 31 30.15 -23.10 -32.37
N VAL B 32 30.18 -21.94 -33.06
CA VAL B 32 29.02 -21.53 -33.82
C VAL B 32 29.10 -22.23 -35.19
N GLU B 33 28.00 -22.91 -35.56
CA GLU B 33 27.83 -23.47 -36.91
C GLU B 33 27.07 -22.46 -37.78
N TRP B 34 27.80 -21.71 -38.62
CA TRP B 34 27.26 -20.65 -39.48
C TRP B 34 26.31 -21.22 -40.52
N GLY B 35 25.19 -20.54 -40.74
CA GLY B 35 24.30 -20.85 -41.83
C GLY B 35 24.75 -20.04 -43.05
N ASN B 36 23.90 -20.07 -44.07
CA ASN B 36 24.19 -19.54 -45.38
C ASN B 36 23.57 -18.13 -45.51
N GLN B 37 24.43 -17.11 -45.61
CA GLN B 37 23.97 -15.73 -45.68
C GLN B 37 23.06 -15.48 -46.89
N ASP B 38 23.31 -16.23 -47.97
CA ASP B 38 22.57 -16.02 -49.20
C ASP B 38 21.13 -16.50 -49.08
N ASP B 39 20.78 -17.16 -47.98
CA ASP B 39 19.42 -17.59 -47.78
C ASP B 39 18.49 -16.44 -47.41
N TYR B 40 19.05 -15.27 -47.01
CA TYR B 40 18.26 -14.12 -46.61
C TYR B 40 18.51 -12.95 -47.55
N GLN B 41 17.41 -12.38 -48.05
CA GLN B 41 17.46 -11.12 -48.80
C GLN B 41 16.88 -10.02 -47.91
N LEU B 42 17.67 -8.96 -47.68
CA LEU B 42 17.23 -7.83 -46.87
C LEU B 42 16.13 -7.06 -47.61
N VAL B 43 15.09 -6.67 -46.85
CA VAL B 43 13.94 -5.90 -47.35
C VAL B 43 14.03 -4.43 -46.91
N ARG B 44 14.18 -4.18 -45.59
CA ARG B 44 14.20 -2.80 -45.13
C ARG B 44 14.86 -2.75 -43.77
N LYS B 45 15.42 -1.59 -43.45
CA LYS B 45 15.95 -1.35 -42.13
C LYS B 45 14.80 -1.09 -41.16
N LEU B 46 14.84 -1.71 -39.98
CA LEU B 46 13.83 -1.54 -38.93
C LEU B 46 14.30 -0.59 -37.83
N GLY B 47 15.58 -0.61 -37.52
CA GLY B 47 16.12 0.25 -36.48
C GLY B 47 17.60 -0.03 -36.31
N ARG B 48 18.29 0.79 -35.50
CA ARG B 48 19.71 0.70 -35.19
C ARG B 48 19.85 0.86 -33.68
N GLY B 49 20.84 0.18 -33.09
CA GLY B 49 21.12 0.19 -31.65
C GLY B 49 22.53 0.70 -31.40
N LYS B 50 22.98 0.65 -30.13
CA LYS B 50 24.35 0.90 -29.74
C LYS B 50 25.27 -0.08 -30.50
N TYR B 51 24.83 -1.36 -30.61
CA TYR B 51 25.67 -2.52 -30.93
C TYR B 51 25.28 -3.27 -32.22
N SER B 52 24.27 -2.76 -32.96
CA SER B 52 23.70 -3.50 -34.08
C SER B 52 22.77 -2.67 -34.97
N GLU B 53 22.53 -3.23 -36.18
CA GLU B 53 21.54 -2.75 -37.13
C GLU B 53 20.55 -3.88 -37.41
N VAL B 54 19.25 -3.56 -37.34
CA VAL B 54 18.18 -4.54 -37.46
C VAL B 54 17.40 -4.28 -38.74
N PHE B 55 17.24 -5.35 -39.54
CA PHE B 55 16.53 -5.34 -40.80
C PHE B 55 15.42 -6.39 -40.86
N GLU B 56 14.37 -6.08 -41.60
CA GLU B 56 13.46 -7.11 -42.04
C GLU B 56 14.03 -7.77 -43.28
N ALA B 57 13.96 -9.11 -43.33
CA ALA B 57 14.47 -9.85 -44.47
C ALA B 57 13.48 -10.95 -44.80
N ILE B 58 13.78 -11.67 -45.86
CA ILE B 58 13.02 -12.82 -46.34
C ILE B 58 13.97 -14.00 -46.48
N ASN B 59 13.56 -15.16 -45.95
CA ASN B 59 14.26 -16.40 -46.20
C ASN B 59 13.81 -16.91 -47.56
N ILE B 60 14.72 -16.90 -48.53
CA ILE B 60 14.43 -17.22 -49.93
C ILE B 60 13.88 -18.63 -50.04
N THR B 61 14.44 -19.54 -49.22
CA THR B 61 14.20 -20.98 -49.31
C THR B 61 12.73 -21.30 -49.09
N ASN B 62 12.05 -20.53 -48.22
CA ASN B 62 10.68 -20.84 -47.84
C ASN B 62 9.75 -19.62 -47.83
N ASN B 63 10.25 -18.46 -48.27
CA ASN B 63 9.51 -17.20 -48.32
C ASN B 63 8.99 -16.68 -46.98
N GLU B 64 9.61 -17.08 -45.86
CA GLU B 64 9.21 -16.55 -44.56
C GLU B 64 9.92 -15.22 -44.28
N LYS B 65 9.17 -14.26 -43.72
CA LYS B 65 9.70 -13.03 -43.14
C LYS B 65 10.49 -13.36 -41.87
N VAL B 66 11.63 -12.71 -41.70
CA VAL B 66 12.56 -12.93 -40.60
C VAL B 66 13.13 -11.55 -40.27
N VAL B 67 13.79 -11.44 -39.12
CA VAL B 67 14.50 -10.23 -38.73
C VAL B 67 15.97 -10.56 -38.58
N VAL B 68 16.85 -9.75 -39.18
CA VAL B 68 18.30 -9.95 -39.14
C VAL B 68 18.91 -8.80 -38.32
N LYS B 69 19.66 -9.17 -37.28
CA LYS B 69 20.40 -8.24 -36.46
C LYS B 69 21.89 -8.41 -36.79
N ILE B 70 22.47 -7.44 -37.51
CA ILE B 70 23.85 -7.45 -37.93
C ILE B 70 24.64 -6.82 -36.79
N LEU B 71 25.55 -7.57 -36.17
CA LEU B 71 26.26 -7.06 -35.00
C LEU B 71 27.32 -6.07 -35.45
N LYS B 72 27.43 -4.93 -34.76
CA LYS B 72 28.62 -4.09 -34.82
C LYS B 72 29.79 -4.87 -34.19
N PRO B 73 31.05 -4.60 -34.62
CA PRO B 73 32.19 -5.29 -34.04
C PRO B 73 32.19 -5.15 -32.52
N VAL B 74 32.14 -6.29 -31.81
CA VAL B 74 32.33 -6.39 -30.36
C VAL B 74 33.16 -7.65 -30.14
N LYS B 75 33.62 -7.86 -28.90
CA LYS B 75 34.39 -9.05 -28.54
C LYS B 75 33.69 -10.35 -28.99
N LYS B 76 34.43 -11.30 -29.57
CA LYS B 76 33.86 -12.59 -29.99
C LYS B 76 33.21 -13.25 -28.78
N LYS B 77 33.73 -13.01 -27.57
CA LYS B 77 33.20 -13.63 -26.35
C LYS B 77 31.74 -13.20 -26.11
N LYS B 78 31.45 -11.92 -26.35
CA LYS B 78 30.13 -11.36 -26.11
C LYS B 78 29.14 -11.83 -27.19
N ILE B 79 29.58 -12.07 -28.43
CA ILE B 79 28.76 -12.68 -29.45
C ILE B 79 28.42 -14.12 -29.04
N LYS B 80 29.44 -14.87 -28.61
CA LYS B 80 29.24 -16.26 -28.19
C LYS B 80 28.23 -16.31 -27.01
N ARG B 81 28.38 -15.36 -26.09
CA ARG B 81 27.51 -15.32 -24.92
C ARG B 81 26.05 -15.15 -25.34
N GLU B 82 25.77 -14.18 -26.22
CA GLU B 82 24.41 -13.91 -26.67
C GLU B 82 23.85 -15.12 -27.40
N ILE B 83 24.65 -15.74 -28.29
CA ILE B 83 24.19 -16.91 -29.02
C ILE B 83 23.85 -18.06 -28.06
N LYS B 84 24.77 -18.33 -27.11
CA LYS B 84 24.58 -19.45 -26.20
C LYS B 84 23.31 -19.24 -25.36
N ILE B 85 23.12 -18.02 -24.88
CA ILE B 85 21.94 -17.70 -24.08
C ILE B 85 20.66 -17.88 -24.90
N LEU B 86 20.66 -17.38 -26.14
CA LEU B 86 19.49 -17.51 -27.00
C LEU B 86 19.18 -18.98 -27.26
N GLU B 87 20.22 -19.80 -27.46
CA GLU B 87 20.03 -21.22 -27.70
C GLU B 87 19.52 -21.91 -26.43
N ASN B 88 20.07 -21.56 -25.27
CA ASN B 88 19.65 -22.17 -24.02
C ASN B 88 18.18 -21.87 -23.73
N LEU B 89 17.73 -20.65 -24.09
CA LEU B 89 16.39 -20.16 -23.74
C LEU B 89 15.35 -20.48 -24.82
N ARG B 90 15.80 -20.97 -25.99
CA ARG B 90 14.94 -21.27 -27.11
C ARG B 90 13.77 -22.15 -26.67
N GLY B 91 12.56 -21.77 -27.09
CA GLY B 91 11.36 -22.50 -26.72
C GLY B 91 10.72 -22.01 -25.43
N GLY B 92 11.40 -21.16 -24.66
CA GLY B 92 10.87 -20.73 -23.38
C GLY B 92 9.75 -19.72 -23.58
N PRO B 93 8.87 -19.56 -22.56
CA PRO B 93 7.73 -18.68 -22.72
C PRO B 93 8.12 -17.22 -22.95
N ASN B 94 7.63 -16.70 -24.08
CA ASN B 94 7.79 -15.32 -24.47
C ASN B 94 9.25 -14.95 -24.73
N ILE B 95 10.13 -15.92 -24.98
CA ILE B 95 11.49 -15.60 -25.39
C ILE B 95 11.51 -15.50 -26.92
N ILE B 96 12.09 -14.45 -27.48
CA ILE B 96 12.34 -14.38 -28.92
C ILE B 96 13.12 -15.63 -29.39
N THR B 97 12.73 -16.19 -30.53
CA THR B 97 13.39 -17.34 -31.10
C THR B 97 14.47 -16.96 -32.10
N LEU B 98 15.69 -17.39 -31.78
CA LEU B 98 16.82 -17.33 -32.71
C LEU B 98 16.66 -18.46 -33.73
N ALA B 99 16.48 -18.08 -34.98
CA ALA B 99 16.31 -19.03 -36.10
C ALA B 99 17.65 -19.43 -36.74
N ASP B 100 18.66 -18.56 -36.78
CA ASP B 100 19.86 -18.88 -37.55
C ASP B 100 20.92 -17.84 -37.23
N ILE B 101 22.15 -18.14 -37.66
CA ILE B 101 23.29 -17.29 -37.45
C ILE B 101 24.09 -17.31 -38.74
N VAL B 102 24.36 -16.15 -39.33
CA VAL B 102 25.04 -16.10 -40.62
C VAL B 102 26.18 -15.08 -40.58
N LYS B 103 27.09 -15.20 -41.55
CA LYS B 103 28.15 -14.21 -41.69
C LYS B 103 27.70 -13.19 -42.74
N ASP B 104 27.61 -11.93 -42.29
CA ASP B 104 27.22 -10.81 -43.12
C ASP B 104 28.36 -10.51 -44.10
N PRO B 105 28.09 -10.55 -45.42
CA PRO B 105 29.11 -10.31 -46.44
C PRO B 105 29.77 -8.92 -46.40
N VAL B 106 28.98 -7.87 -46.14
CA VAL B 106 29.53 -6.49 -46.08
C VAL B 106 30.37 -6.26 -44.81
N SER B 107 29.80 -6.51 -43.62
CA SER B 107 30.44 -6.21 -42.35
C SER B 107 31.50 -7.27 -41.99
N ARG B 108 31.41 -8.46 -42.62
CA ARG B 108 32.12 -9.71 -42.31
C ARG B 108 32.03 -10.05 -40.82
N THR B 109 30.86 -9.73 -40.29
CA THR B 109 30.49 -9.80 -38.89
C THR B 109 29.30 -10.72 -38.80
N PRO B 110 29.03 -11.30 -37.62
CA PRO B 110 27.88 -12.14 -37.44
C PRO B 110 26.56 -11.36 -37.57
N ALA B 111 25.55 -12.05 -38.07
CA ALA B 111 24.17 -11.58 -38.11
C ALA B 111 23.33 -12.68 -37.47
N LEU B 112 22.49 -12.29 -36.51
CA LEU B 112 21.53 -13.19 -35.88
C LEU B 112 20.20 -13.05 -36.59
N VAL B 113 19.55 -14.19 -36.88
CA VAL B 113 18.32 -14.23 -37.63
C VAL B 113 17.23 -14.69 -36.67
N PHE B 114 16.19 -13.88 -36.52
CA PHE B 114 15.11 -14.15 -35.56
C PHE B 114 13.80 -14.34 -36.30
N GLU B 115 12.88 -14.98 -35.55
CA GLU B 115 11.45 -14.98 -35.82
C GLU B 115 10.99 -13.52 -35.96
N HIS B 116 10.07 -13.28 -36.93
CA HIS B 116 9.39 -12.00 -37.12
C HIS B 116 8.21 -11.86 -36.15
N VAL B 117 8.17 -10.74 -35.41
CA VAL B 117 7.03 -10.36 -34.59
C VAL B 117 6.44 -9.07 -35.17
N ASN B 118 5.13 -9.00 -35.30
CA ASN B 118 4.54 -7.79 -35.87
C ASN B 118 4.26 -6.76 -34.78
N ASN B 119 5.31 -6.00 -34.39
CA ASN B 119 5.31 -5.09 -33.26
C ASN B 119 4.46 -3.87 -33.55
N THR B 120 3.69 -3.41 -32.55
CA THR B 120 2.98 -2.14 -32.64
C THR B 120 3.85 -1.11 -31.92
N ASP B 121 3.87 0.12 -32.48
CA ASP B 121 4.70 1.20 -32.01
C ASP B 121 4.47 1.41 -30.50
N PHE B 122 5.51 1.16 -29.67
CA PHE B 122 5.40 1.30 -28.23
C PHE B 122 5.20 2.78 -27.88
N LYS B 123 5.51 3.67 -28.83
CA LYS B 123 5.22 5.09 -28.73
C LYS B 123 3.77 5.41 -29.16
N GLN B 124 3.00 4.40 -29.60
CA GLN B 124 1.56 4.56 -29.82
C GLN B 124 0.76 3.61 -28.92
N LEU B 125 1.45 2.66 -28.26
CA LEU B 125 0.81 1.54 -27.59
C LEU B 125 0.53 1.87 -26.12
N TYR B 126 1.41 2.66 -25.50
CA TYR B 126 1.36 2.90 -24.06
C TYR B 126 0.42 4.10 -23.75
N GLN B 127 -0.26 4.64 -24.77
CA GLN B 127 -1.25 5.68 -24.58
C GLN B 127 -2.66 5.08 -24.56
N THR B 128 -2.83 3.86 -25.09
CA THR B 128 -4.14 3.25 -25.27
C THR B 128 -4.36 2.12 -24.27
N LEU B 129 -3.31 1.79 -23.49
CA LEU B 129 -3.29 0.63 -22.61
C LEU B 129 -4.30 0.83 -21.47
N THR B 130 -5.20 -0.15 -21.32
CA THR B 130 -6.12 -0.22 -20.20
C THR B 130 -5.41 -0.84 -19.01
N ASP B 131 -6.05 -0.70 -17.84
CA ASP B 131 -5.60 -1.32 -16.60
C ASP B 131 -5.38 -2.83 -16.82
N TYR B 132 -6.37 -3.49 -17.44
CA TYR B 132 -6.28 -4.93 -17.68
C TYR B 132 -5.08 -5.24 -18.60
N ASP B 133 -4.93 -4.45 -19.65
CA ASP B 133 -3.84 -4.71 -20.60
C ASP B 133 -2.49 -4.66 -19.90
N ILE B 134 -2.29 -3.67 -19.02
CA ILE B 134 -1.03 -3.54 -18.30
C ILE B 134 -0.78 -4.77 -17.45
N ARG B 135 -1.79 -5.22 -16.69
CA ARG B 135 -1.67 -6.42 -15.88
C ARG B 135 -1.32 -7.61 -16.76
N PHE B 136 -2.01 -7.76 -17.88
CA PHE B 136 -1.80 -8.89 -18.79
C PHE B 136 -0.37 -8.92 -19.32
N TYR B 137 0.09 -7.80 -19.88
CA TYR B 137 1.42 -7.77 -20.48
C TYR B 137 2.49 -7.89 -19.40
N MET B 138 2.30 -7.28 -18.23
CA MET B 138 3.24 -7.44 -17.13
C MET B 138 3.36 -8.93 -16.78
N TYR B 139 2.24 -9.66 -16.72
CA TYR B 139 2.26 -11.09 -16.41
C TYR B 139 3.09 -11.83 -17.47
N GLU B 140 2.88 -11.48 -18.75
CA GLU B 140 3.60 -12.12 -19.86
C GLU B 140 5.12 -11.87 -19.73
N ILE B 141 5.52 -10.64 -19.34
CA ILE B 141 6.95 -10.35 -19.13
C ILE B 141 7.46 -11.21 -17.97
N LEU B 142 6.68 -11.30 -16.89
CA LEU B 142 7.10 -12.10 -15.74
C LEU B 142 7.30 -13.55 -16.12
N LYS B 143 6.48 -14.11 -17.02
CA LYS B 143 6.70 -15.49 -17.45
C LYS B 143 8.08 -15.65 -18.11
N ALA B 144 8.47 -14.68 -18.96
CA ALA B 144 9.79 -14.72 -19.60
C ALA B 144 10.92 -14.59 -18.57
N LEU B 145 10.77 -13.68 -17.60
CA LEU B 145 11.80 -13.45 -16.59
C LEU B 145 11.91 -14.64 -15.63
N ASP B 146 10.80 -15.19 -15.15
CA ASP B 146 10.89 -16.36 -14.30
C ASP B 146 11.60 -17.48 -15.08
N TYR B 147 11.25 -17.62 -16.35
CA TYR B 147 11.86 -18.68 -17.13
C TYR B 147 13.38 -18.45 -17.25
N CYS B 148 13.81 -17.27 -17.70
CA CYS B 148 15.23 -17.07 -17.93
C CYS B 148 15.98 -17.13 -16.60
N HIS B 149 15.44 -16.57 -15.52
CA HIS B 149 16.08 -16.69 -14.21
C HIS B 149 16.21 -18.16 -13.80
N SER B 150 15.16 -18.95 -14.02
CA SER B 150 15.16 -20.37 -13.65
C SER B 150 16.24 -21.13 -14.45
N MET B 151 16.56 -20.60 -15.63
CA MET B 151 17.55 -21.15 -16.55
C MET B 151 18.92 -20.52 -16.30
N GLY B 152 19.07 -19.78 -15.21
CA GLY B 152 20.37 -19.29 -14.78
C GLY B 152 20.84 -18.05 -15.52
N ILE B 153 19.91 -17.26 -16.09
CA ILE B 153 20.27 -16.13 -16.93
C ILE B 153 19.58 -14.86 -16.44
N MET B 154 20.38 -13.79 -16.31
CA MET B 154 19.88 -12.44 -16.06
C MET B 154 19.81 -11.70 -17.39
N HIS B 155 18.69 -11.02 -17.68
CA HIS B 155 18.58 -10.26 -18.92
C HIS B 155 19.45 -9.01 -18.90
N ARG B 156 19.31 -8.21 -17.83
CA ARG B 156 20.13 -7.04 -17.49
C ARG B 156 19.88 -5.85 -18.42
N ASP B 157 18.81 -5.89 -19.22
CA ASP B 157 18.46 -4.78 -20.08
C ASP B 157 16.94 -4.73 -20.30
N VAL B 158 16.17 -4.95 -19.22
CA VAL B 158 14.73 -4.89 -19.30
C VAL B 158 14.29 -3.43 -19.46
N LYS B 159 13.48 -3.18 -20.48
CA LYS B 159 12.93 -1.87 -20.76
C LYS B 159 11.93 -1.99 -21.89
N PRO B 160 11.04 -1.00 -22.10
CA PRO B 160 9.99 -1.08 -23.11
C PRO B 160 10.48 -1.43 -24.52
N HIS B 161 11.63 -0.89 -24.92
CA HIS B 161 12.15 -1.14 -26.26
C HIS B 161 12.49 -2.61 -26.47
N ASN B 162 12.75 -3.34 -25.38
CA ASN B 162 13.14 -4.74 -25.46
C ASN B 162 11.97 -5.69 -25.19
N VAL B 163 10.73 -5.17 -25.23
CA VAL B 163 9.53 -5.97 -25.17
C VAL B 163 8.73 -5.71 -26.46
N MET B 164 8.67 -6.71 -27.32
CA MET B 164 7.88 -6.58 -28.52
C MET B 164 6.47 -7.08 -28.23
N ILE B 165 5.44 -6.35 -28.70
CA ILE B 165 4.06 -6.76 -28.52
C ILE B 165 3.35 -6.77 -29.88
N ASP B 166 2.78 -7.92 -30.25
CA ASP B 166 1.80 -8.00 -31.33
C ASP B 166 0.44 -7.91 -30.68
N HIS B 167 -0.10 -6.68 -30.59
CA HIS B 167 -1.31 -6.43 -29.82
C HIS B 167 -2.52 -7.22 -30.36
N GLU B 168 -2.67 -7.27 -31.68
CA GLU B 168 -3.79 -7.97 -32.31
C GLU B 168 -3.87 -9.43 -31.84
N HIS B 169 -2.70 -10.05 -31.61
CA HIS B 169 -2.66 -11.45 -31.24
C HIS B 169 -2.33 -11.63 -29.75
N ARG B 170 -2.32 -10.54 -28.98
CA ARG B 170 -2.01 -10.58 -27.55
C ARG B 170 -0.74 -11.42 -27.30
N LYS B 171 0.28 -11.14 -28.10
CA LYS B 171 1.52 -11.90 -28.10
C LYS B 171 2.69 -10.98 -27.73
N LEU B 172 3.58 -11.48 -26.87
CA LEU B 172 4.68 -10.67 -26.37
C LEU B 172 5.99 -11.45 -26.44
N ARG B 173 7.10 -10.77 -26.78
CA ARG B 173 8.40 -11.42 -26.77
C ARG B 173 9.42 -10.48 -26.13
N LEU B 174 10.25 -11.03 -25.24
CA LEU B 174 11.40 -10.36 -24.66
C LEU B 174 12.61 -10.57 -25.59
N ILE B 175 13.18 -9.44 -26.05
CA ILE B 175 14.24 -9.41 -27.05
C ILE B 175 15.52 -8.79 -26.46
N ASP B 176 16.55 -8.75 -27.29
CA ASP B 176 17.84 -8.11 -27.04
C ASP B 176 18.51 -8.68 -25.80
N TRP B 177 19.03 -9.89 -25.99
CA TRP B 177 19.76 -10.65 -24.99
C TRP B 177 21.26 -10.32 -25.04
N GLY B 178 21.64 -9.22 -25.68
CA GLY B 178 23.03 -8.84 -25.89
C GLY B 178 23.79 -8.47 -24.62
N LEU B 179 23.08 -8.12 -23.56
CA LEU B 179 23.68 -7.77 -22.27
C LEU B 179 23.48 -8.89 -21.24
N ALA B 180 22.73 -9.92 -21.59
CA ALA B 180 22.39 -11.01 -20.66
C ALA B 180 23.64 -11.82 -20.30
N GLU B 181 23.60 -12.42 -19.12
CA GLU B 181 24.75 -13.04 -18.49
C GLU B 181 24.24 -14.19 -17.63
N PHE B 182 25.08 -15.23 -17.47
CA PHE B 182 24.82 -16.34 -16.57
C PHE B 182 25.07 -15.91 -15.12
N TYR B 183 24.16 -16.29 -14.22
CA TYR B 183 24.31 -16.07 -12.78
C TYR B 183 25.14 -17.18 -12.13
N HIS B 184 26.21 -16.77 -11.46
CA HIS B 184 27.09 -17.66 -10.73
C HIS B 184 27.26 -17.08 -9.36
N PRO B 185 27.01 -17.85 -8.28
CA PRO B 185 27.15 -17.32 -6.93
C PRO B 185 28.56 -16.80 -6.65
N GLY B 186 28.64 -15.57 -6.14
CA GLY B 186 29.90 -14.95 -5.83
C GLY B 186 30.51 -14.11 -6.96
N GLN B 187 29.96 -14.16 -8.18
CA GLN B 187 30.57 -13.47 -9.30
C GLN B 187 30.30 -11.96 -9.19
N GLU B 188 31.36 -11.19 -9.42
CA GLU B 188 31.29 -9.73 -9.46
C GLU B 188 31.10 -9.34 -10.92
N TYR B 189 29.95 -8.68 -11.21
CA TYR B 189 29.56 -8.32 -12.56
C TYR B 189 29.83 -6.85 -12.87
N ASN B 190 29.91 -6.56 -14.17
CA ASN B 190 30.03 -5.20 -14.65
C ASN B 190 28.75 -4.43 -14.28
N VAL B 191 28.89 -3.23 -13.72
CA VAL B 191 27.72 -2.46 -13.35
C VAL B 191 27.28 -1.60 -14.55
N ARG B 192 28.07 -1.57 -15.63
CA ARG B 192 27.76 -0.69 -16.76
C ARG B 192 26.86 -1.46 -17.73
N VAL B 193 25.63 -1.74 -17.26
CA VAL B 193 24.63 -2.45 -18.03
C VAL B 193 23.32 -1.73 -17.82
N ALA B 194 22.32 -2.04 -18.64
CA ALA B 194 20.97 -1.53 -18.58
C ALA B 194 20.91 -0.07 -19.00
N SER B 195 19.73 0.37 -19.43
CA SER B 195 19.55 1.78 -19.77
C SER B 195 19.42 2.57 -18.47
N ARG B 196 19.99 3.77 -18.44
CA ARG B 196 20.05 4.62 -17.24
C ARG B 196 18.73 4.63 -16.46
N TYR B 197 17.61 4.75 -17.17
CA TYR B 197 16.36 4.97 -16.46
C TYR B 197 15.92 3.71 -15.68
N PHE B 198 16.49 2.56 -16.07
CA PHE B 198 16.08 1.24 -15.56
C PHE B 198 17.19 0.63 -14.70
N LYS B 199 18.28 1.35 -14.48
CA LYS B 199 19.37 0.83 -13.69
C LYS B 199 18.97 0.74 -12.23
N GLY B 200 19.24 -0.43 -11.63
CA GLY B 200 19.02 -0.64 -10.22
C GLY B 200 19.99 0.16 -9.37
N PRO B 201 19.60 0.47 -8.11
CA PRO B 201 20.51 1.13 -7.18
C PRO B 201 21.84 0.42 -7.03
N GLU B 202 21.84 -0.93 -7.14
CA GLU B 202 23.09 -1.68 -7.01
C GLU B 202 24.07 -1.22 -8.08
N LEU B 203 23.60 -0.97 -9.30
CA LEU B 203 24.49 -0.55 -10.36
C LEU B 203 25.02 0.85 -10.05
N LEU B 204 24.11 1.73 -9.58
CA LEU B 204 24.42 3.14 -9.42
C LEU B 204 25.41 3.36 -8.27
N VAL B 205 25.40 2.49 -7.27
CA VAL B 205 26.33 2.60 -6.13
C VAL B 205 27.55 1.69 -6.33
N ASP B 206 27.63 0.97 -7.47
CA ASP B 206 28.79 0.12 -7.81
C ASP B 206 28.87 -1.09 -6.87
N TYR B 207 27.74 -1.76 -6.62
CA TYR B 207 27.70 -3.06 -5.95
C TYR B 207 27.65 -4.14 -7.02
N GLN B 208 28.75 -4.89 -7.15
CA GLN B 208 28.95 -5.75 -8.30
C GLN B 208 28.34 -7.14 -8.14
N MET B 209 28.09 -7.60 -6.91
CA MET B 209 27.70 -9.00 -6.66
C MET B 209 26.18 -9.11 -6.72
N TYR B 210 25.61 -8.67 -7.84
CA TYR B 210 24.17 -8.57 -8.03
C TYR B 210 23.65 -9.85 -8.69
N ASP B 211 22.34 -9.93 -8.95
CA ASP B 211 21.73 -11.16 -9.43
C ASP B 211 20.47 -10.84 -10.22
N TYR B 212 19.62 -11.86 -10.39
CA TYR B 212 18.39 -11.79 -11.18
C TYR B 212 17.50 -10.63 -10.74
N SER B 213 17.60 -10.26 -9.46
CA SER B 213 16.76 -9.24 -8.86
C SER B 213 16.92 -7.87 -9.55
N LEU B 214 18.05 -7.66 -10.24
CA LEU B 214 18.24 -6.45 -11.05
C LEU B 214 17.07 -6.29 -12.03
N ASP B 215 16.67 -7.39 -12.67
CA ASP B 215 15.63 -7.36 -13.68
C ASP B 215 14.31 -6.89 -13.08
N MET B 216 14.10 -7.23 -11.79
CA MET B 216 12.83 -6.93 -11.12
C MET B 216 12.73 -5.43 -10.80
N TRP B 217 13.87 -4.78 -10.50
CA TRP B 217 13.89 -3.33 -10.37
C TRP B 217 13.48 -2.70 -11.70
N SER B 218 14.14 -3.11 -12.79
CA SER B 218 13.85 -2.56 -14.11
C SER B 218 12.37 -2.70 -14.44
N LEU B 219 11.81 -3.89 -14.13
CA LEU B 219 10.40 -4.14 -14.36
C LEU B 219 9.55 -3.13 -13.56
N GLY B 220 9.90 -2.92 -12.29
CA GLY B 220 9.20 -1.94 -11.47
C GLY B 220 9.22 -0.55 -12.09
N CYS B 221 10.36 -0.17 -12.67
CA CYS B 221 10.47 1.13 -13.34
C CYS B 221 9.46 1.22 -14.50
N MET B 222 9.36 0.12 -15.26
CA MET B 222 8.40 0.06 -16.36
C MET B 222 6.97 0.20 -15.83
N LEU B 223 6.64 -0.57 -14.78
CA LEU B 223 5.29 -0.56 -14.23
C LEU B 223 4.93 0.86 -13.79
N ALA B 224 5.83 1.52 -13.05
CA ALA B 224 5.58 2.88 -12.59
C ALA B 224 5.27 3.79 -13.78
N SER B 225 6.09 3.68 -14.84
CA SER B 225 5.90 4.57 -15.99
C SER B 225 4.52 4.35 -16.63
N MET B 226 4.03 3.10 -16.64
CA MET B 226 2.77 2.76 -17.29
C MET B 226 1.59 3.22 -16.43
N ILE B 227 1.55 2.87 -15.12
CA ILE B 227 0.38 3.19 -14.29
C ILE B 227 0.31 4.68 -13.99
N PHE B 228 1.46 5.36 -13.98
CA PHE B 228 1.47 6.78 -13.62
C PHE B 228 1.54 7.67 -14.85
N ARG B 229 1.66 7.08 -16.06
CA ARG B 229 1.74 7.84 -17.31
C ARG B 229 2.89 8.84 -17.24
N LYS B 230 4.08 8.33 -16.90
CA LYS B 230 5.26 9.16 -16.75
C LYS B 230 6.44 8.33 -17.24
N GLU B 231 6.87 8.61 -18.46
CA GLU B 231 7.93 7.84 -19.11
C GLU B 231 9.11 8.74 -19.41
N PRO B 232 10.31 8.53 -18.83
CA PRO B 232 10.58 7.52 -17.81
C PRO B 232 10.09 7.97 -16.44
N PHE B 233 9.97 7.05 -15.46
CA PHE B 233 9.47 7.43 -14.16
C PHE B 233 10.56 8.16 -13.35
N PHE B 234 11.75 7.55 -13.25
CA PHE B 234 12.93 8.17 -12.69
C PHE B 234 13.76 8.75 -13.85
N HIS B 235 13.64 10.08 -14.05
CA HIS B 235 14.27 10.75 -15.19
C HIS B 235 15.59 11.43 -14.78
N GLY B 236 16.67 10.66 -14.55
CA GLY B 236 17.96 11.23 -14.21
C GLY B 236 18.69 11.75 -15.44
N HIS B 237 19.58 12.74 -15.25
CA HIS B 237 20.36 13.30 -16.35
C HIS B 237 21.61 12.45 -16.61
N ASP B 238 22.05 11.73 -15.59
CA ASP B 238 23.24 10.90 -15.65
C ASP B 238 23.12 9.90 -14.50
N ASN B 239 24.15 9.09 -14.27
CA ASN B 239 24.01 7.97 -13.34
C ASN B 239 23.90 8.47 -11.90
N TYR B 240 24.54 9.62 -11.62
CA TYR B 240 24.53 10.17 -10.27
C TYR B 240 23.15 10.74 -9.96
N ASP B 241 22.67 11.61 -10.86
CA ASP B 241 21.34 12.19 -10.75
C ASP B 241 20.28 11.10 -10.79
N GLN B 242 20.54 9.97 -11.45
CA GLN B 242 19.55 8.90 -11.47
C GLN B 242 19.27 8.43 -10.03
N LEU B 243 20.33 8.24 -9.24
CA LEU B 243 20.16 7.80 -7.87
C LEU B 243 19.44 8.89 -7.06
N VAL B 244 19.74 10.16 -7.35
CA VAL B 244 19.07 11.27 -6.67
C VAL B 244 17.57 11.21 -6.93
N ARG B 245 17.18 10.96 -8.19
CA ARG B 245 15.77 10.92 -8.53
C ARG B 245 15.08 9.80 -7.76
N ILE B 246 15.75 8.65 -7.66
CA ILE B 246 15.22 7.51 -6.90
C ILE B 246 15.09 7.91 -5.44
N ALA B 247 16.11 8.54 -4.86
CA ALA B 247 16.15 8.89 -3.46
C ALA B 247 15.05 9.88 -3.08
N LYS B 248 14.66 10.74 -4.03
CA LYS B 248 13.60 11.72 -3.76
C LYS B 248 12.24 11.01 -3.62
N VAL B 249 12.15 9.75 -4.07
CA VAL B 249 10.91 8.98 -3.98
C VAL B 249 10.99 7.94 -2.86
N LEU B 250 12.00 7.06 -2.95
CA LEU B 250 12.16 5.96 -1.99
C LEU B 250 12.71 6.46 -0.66
N GLY B 251 13.28 7.67 -0.64
CA GLY B 251 13.86 8.25 0.55
C GLY B 251 15.33 7.90 0.74
N THR B 252 16.03 8.73 1.48
CA THR B 252 17.44 8.51 1.77
C THR B 252 17.65 7.57 2.95
N GLU B 253 16.68 7.40 3.88
CA GLU B 253 16.94 6.59 5.08
C GLU B 253 17.24 5.14 4.67
N ASP B 254 16.40 4.59 3.77
CA ASP B 254 16.54 3.20 3.32
C ASP B 254 17.79 3.06 2.44
N LEU B 255 18.16 4.13 1.71
CA LEU B 255 19.35 4.09 0.87
C LEU B 255 20.59 3.91 1.75
N TYR B 256 20.71 4.74 2.78
CA TYR B 256 21.85 4.69 3.68
C TYR B 256 21.82 3.38 4.48
N ASP B 257 20.62 2.84 4.79
CA ASP B 257 20.53 1.53 5.46
C ASP B 257 21.14 0.43 4.57
N TYR B 258 20.85 0.47 3.25
CA TYR B 258 21.33 -0.48 2.24
C TYR B 258 22.85 -0.38 2.16
N ILE B 259 23.37 0.85 2.06
CA ILE B 259 24.81 1.03 1.93
C ILE B 259 25.49 0.49 3.20
N ASP B 260 24.90 0.74 4.38
CA ASP B 260 25.47 0.22 5.61
C ASP B 260 25.48 -1.31 5.61
N LYS B 261 24.35 -1.92 5.23
CA LYS B 261 24.18 -3.37 5.32
C LYS B 261 25.24 -4.10 4.48
N TYR B 262 25.53 -3.55 3.30
CA TYR B 262 26.45 -4.19 2.38
C TYR B 262 27.86 -3.61 2.47
N ASN B 263 28.09 -2.67 3.41
CA ASN B 263 29.37 -2.01 3.57
C ASN B 263 29.87 -1.48 2.23
N ILE B 264 28.95 -0.80 1.53
CA ILE B 264 29.27 -0.19 0.25
C ILE B 264 29.99 1.15 0.47
N GLU B 265 31.10 1.37 -0.25
CA GLU B 265 31.85 2.62 -0.15
C GLU B 265 31.32 3.53 -1.25
N LEU B 266 30.63 4.58 -0.84
CA LEU B 266 29.94 5.43 -1.78
C LEU B 266 30.91 6.44 -2.36
N ASP B 267 30.87 6.61 -3.69
CA ASP B 267 31.59 7.68 -4.37
C ASP B 267 31.35 9.00 -3.62
N PRO B 268 32.41 9.75 -3.23
CA PRO B 268 32.24 11.06 -2.58
C PRO B 268 31.34 12.06 -3.32
N ARG B 269 31.38 12.02 -4.65
CA ARG B 269 30.55 12.86 -5.52
C ARG B 269 29.11 12.86 -5.02
N PHE B 270 28.61 11.68 -4.63
CA PHE B 270 27.23 11.51 -4.20
C PHE B 270 26.90 12.32 -2.94
N ASN B 271 27.85 12.49 -2.02
CA ASN B 271 27.44 12.97 -0.70
C ASN B 271 27.13 14.46 -0.76
N ASP B 272 27.58 15.17 -1.80
CA ASP B 272 27.14 16.53 -2.03
C ASP B 272 25.66 16.55 -2.45
N ILE B 273 25.22 15.59 -3.27
CA ILE B 273 23.99 15.72 -4.04
C ILE B 273 22.80 14.93 -3.43
N LEU B 274 23.04 13.91 -2.61
CA LEU B 274 21.96 12.99 -2.22
C LEU B 274 21.01 13.68 -1.23
N GLY B 275 21.58 14.42 -0.29
CA GLY B 275 20.83 15.12 0.72
C GLY B 275 20.08 14.19 1.70
N ARG B 276 18.90 14.63 2.12
CA ARG B 276 18.03 13.90 3.03
C ARG B 276 16.64 14.05 2.44
N HIS B 277 15.96 12.93 2.20
CA HIS B 277 14.63 12.94 1.59
C HIS B 277 13.76 11.93 2.30
N SER B 278 12.52 12.32 2.58
CA SER B 278 11.51 11.40 3.08
C SER B 278 11.12 10.39 1.99
N ARG B 279 10.68 9.19 2.44
CA ARG B 279 10.02 8.26 1.54
C ARG B 279 8.63 8.79 1.25
N LYS B 280 8.29 8.93 -0.04
CA LYS B 280 7.02 9.51 -0.48
C LYS B 280 5.96 8.41 -0.55
N ARG B 281 4.72 8.76 -0.23
CA ARG B 281 3.62 7.91 -0.59
C ARG B 281 3.33 8.00 -2.09
N TRP B 282 2.98 6.86 -2.67
CA TRP B 282 2.68 6.69 -4.08
C TRP B 282 1.51 7.54 -4.54
N GLU B 283 0.69 8.01 -3.58
CA GLU B 283 -0.51 8.79 -3.90
C GLU B 283 -0.13 10.14 -4.53
N ARG B 284 1.10 10.61 -4.30
CA ARG B 284 1.45 11.93 -4.83
C ARG B 284 1.62 11.88 -6.36
N PHE B 285 1.71 10.69 -6.99
CA PHE B 285 1.89 10.57 -8.43
C PHE B 285 0.56 10.25 -9.11
N VAL B 286 -0.54 10.09 -8.34
CA VAL B 286 -1.85 9.77 -8.92
C VAL B 286 -2.53 11.09 -9.29
N HIS B 287 -3.19 11.11 -10.45
CA HIS B 287 -3.84 12.30 -10.98
C HIS B 287 -5.01 11.82 -11.83
N SER B 288 -5.91 12.74 -12.23
CA SER B 288 -7.14 12.39 -12.94
C SER B 288 -6.84 11.65 -14.26
N GLU B 289 -5.68 11.90 -14.88
CA GLU B 289 -5.28 11.31 -16.15
C GLU B 289 -4.87 9.84 -16.03
N ASN B 290 -4.31 9.42 -14.87
CA ASN B 290 -3.75 8.09 -14.69
C ASN B 290 -4.53 7.25 -13.67
N GLN B 291 -5.50 7.82 -12.98
CA GLN B 291 -6.12 7.19 -11.82
C GLN B 291 -6.81 5.90 -12.19
N HIS B 292 -7.27 5.77 -13.44
CA HIS B 292 -7.97 4.57 -13.90
C HIS B 292 -7.00 3.38 -13.99
N LEU B 293 -5.69 3.62 -13.92
CA LEU B 293 -4.67 2.57 -14.03
C LEU B 293 -4.15 2.16 -12.66
N VAL B 294 -4.50 2.92 -11.63
CA VAL B 294 -3.85 2.81 -10.32
C VAL B 294 -4.88 2.22 -9.35
N SER B 295 -4.46 1.20 -8.62
CA SER B 295 -5.29 0.55 -7.62
C SER B 295 -4.39 0.29 -6.43
N PRO B 296 -4.98 0.01 -5.24
CA PRO B 296 -4.18 -0.47 -4.13
C PRO B 296 -3.27 -1.64 -4.47
N GLU B 297 -3.80 -2.58 -5.27
CA GLU B 297 -3.02 -3.74 -5.67
C GLU B 297 -1.83 -3.33 -6.51
N ALA B 298 -2.02 -2.42 -7.48
CA ALA B 298 -0.93 -1.97 -8.33
C ALA B 298 0.17 -1.33 -7.48
N LEU B 299 -0.23 -0.52 -6.49
CA LEU B 299 0.74 0.20 -5.67
C LEU B 299 1.48 -0.76 -4.74
N ASP B 300 0.78 -1.76 -4.20
CA ASP B 300 1.39 -2.75 -3.33
C ASP B 300 2.47 -3.52 -4.11
N PHE B 301 2.09 -3.95 -5.32
CA PHE B 301 2.99 -4.69 -6.19
C PHE B 301 4.23 -3.83 -6.54
N LEU B 302 3.98 -2.59 -6.99
CA LEU B 302 5.05 -1.68 -7.36
C LEU B 302 6.04 -1.49 -6.18
N ASP B 303 5.48 -1.28 -4.98
CA ASP B 303 6.25 -1.03 -3.77
C ASP B 303 7.20 -2.20 -3.52
N LYS B 304 6.78 -3.42 -3.88
CA LYS B 304 7.52 -4.64 -3.58
C LYS B 304 8.56 -4.97 -4.64
N LEU B 305 8.53 -4.26 -5.78
CA LEU B 305 9.59 -4.33 -6.80
C LEU B 305 10.66 -3.26 -6.54
N LEU B 306 10.22 -2.02 -6.28
CA LEU B 306 11.13 -0.90 -6.13
C LEU B 306 11.71 -0.82 -4.70
N ARG B 307 12.66 -1.72 -4.39
CA ARG B 307 13.41 -1.69 -3.14
C ARG B 307 14.89 -1.49 -3.45
N TYR B 308 15.57 -0.65 -2.69
CA TYR B 308 17.03 -0.53 -2.74
C TYR B 308 17.70 -1.90 -2.57
N ASP B 309 17.35 -2.59 -1.48
CA ASP B 309 17.94 -3.87 -1.15
C ASP B 309 17.43 -4.90 -2.16
N HIS B 310 18.32 -5.33 -3.05
CA HIS B 310 18.01 -6.30 -4.10
C HIS B 310 17.42 -7.59 -3.49
N GLN B 311 17.85 -7.96 -2.28
CA GLN B 311 17.37 -9.19 -1.63
C GLN B 311 15.89 -9.08 -1.24
N SER B 312 15.35 -7.86 -1.08
CA SER B 312 14.01 -7.67 -0.56
C SER B 312 13.00 -7.56 -1.71
N ARG B 313 13.45 -7.45 -2.97
CA ARG B 313 12.50 -7.36 -4.09
C ARG B 313 11.79 -8.70 -4.28
N LEU B 314 10.56 -8.64 -4.76
CA LEU B 314 9.86 -9.83 -5.22
C LEU B 314 10.71 -10.58 -6.26
N THR B 315 10.66 -11.91 -6.19
CA THR B 315 11.08 -12.72 -7.32
C THR B 315 9.99 -12.67 -8.40
N ALA B 316 10.36 -13.05 -9.62
CA ALA B 316 9.36 -13.18 -10.68
C ALA B 316 8.22 -14.09 -10.28
N ARG B 317 8.51 -15.24 -9.65
CA ARG B 317 7.46 -16.19 -9.33
C ARG B 317 6.54 -15.64 -8.24
N GLU B 318 7.11 -14.94 -7.24
CA GLU B 318 6.30 -14.27 -6.21
C GLU B 318 5.41 -13.20 -6.84
N ALA B 319 5.98 -12.40 -7.76
CA ALA B 319 5.25 -11.34 -8.44
C ALA B 319 4.02 -11.90 -9.14
N MET B 320 4.18 -13.06 -9.76
CA MET B 320 3.11 -13.71 -10.53
C MET B 320 1.96 -14.14 -9.62
N GLU B 321 2.23 -14.35 -8.33
CA GLU B 321 1.21 -14.78 -7.36
C GLU B 321 0.52 -13.57 -6.70
N HIS B 322 0.96 -12.35 -7.03
CA HIS B 322 0.41 -11.15 -6.40
C HIS B 322 -1.03 -10.91 -6.83
N PRO B 323 -1.89 -10.43 -5.90
CA PRO B 323 -3.29 -10.09 -6.22
C PRO B 323 -3.52 -9.21 -7.46
N TYR B 324 -2.56 -8.37 -7.85
CA TYR B 324 -2.67 -7.60 -9.08
C TYR B 324 -3.02 -8.49 -10.28
N PHE B 325 -2.57 -9.75 -10.27
CA PHE B 325 -2.75 -10.63 -11.42
C PHE B 325 -3.89 -11.64 -11.25
N TYR B 326 -4.71 -11.56 -10.19
CA TYR B 326 -5.77 -12.55 -9.99
C TYR B 326 -6.69 -12.65 -11.21
N THR B 327 -7.11 -11.50 -11.79
CA THR B 327 -8.05 -11.51 -12.92
C THR B 327 -7.36 -12.17 -14.13
N VAL B 328 -6.09 -11.82 -14.40
CA VAL B 328 -5.36 -12.39 -15.53
C VAL B 328 -5.29 -13.91 -15.38
N VAL B 329 -4.96 -14.40 -14.18
CA VAL B 329 -4.76 -15.84 -13.98
C VAL B 329 -6.10 -16.54 -14.22
N LYS B 330 -7.20 -15.94 -13.75
CA LYS B 330 -8.51 -16.59 -13.84
C LYS B 330 -8.92 -16.81 -15.30
N ASP B 331 -8.52 -15.89 -16.20
CA ASP B 331 -8.90 -15.95 -17.61
C ASP B 331 -8.02 -16.94 -18.37
N GLN B 332 -6.76 -17.09 -17.96
CA GLN B 332 -5.84 -18.01 -18.63
C GLN B 332 -6.14 -19.46 -18.26
N ALA B 333 -7.08 -19.70 -17.32
CA ALA B 333 -7.48 -21.04 -16.93
C ALA B 333 -8.83 -21.41 -17.56
S SO4 C . -30.53 30.47 16.20
O1 SO4 C . -29.31 29.72 16.31
O2 SO4 C . -31.65 29.72 16.70
O3 SO4 C . -30.75 30.82 14.82
O4 SO4 C . -30.40 31.67 16.99
S SO4 D . -32.41 17.81 36.89
O1 SO4 D . -31.82 18.83 37.71
O2 SO4 D . -31.77 16.54 37.15
O3 SO4 D . -32.25 18.13 35.48
O4 SO4 D . -33.81 17.71 37.20
S SO4 E . 13.54 3.15 13.92
O1 SO4 E . 13.23 1.75 14.07
O2 SO4 E . 14.63 3.50 14.80
O3 SO4 E . 12.37 3.91 14.29
O4 SO4 E . 13.92 3.46 12.56
S SO4 F . -15.31 17.18 28.25
O1 SO4 F . -16.35 16.59 29.04
O2 SO4 F . -14.11 16.43 28.44
O3 SO4 F . -15.10 18.55 28.65
O4 SO4 F . -15.66 17.11 26.87
S SO4 G . -5.98 11.29 29.88
O1 SO4 G . -6.03 11.24 31.32
O2 SO4 G . -5.04 10.32 29.40
O3 SO4 G . -7.30 11.01 29.32
O4 SO4 G . -5.58 12.62 29.47
O1 X5E H . -24.47 3.78 25.77
C2 X5E H . -24.11 2.98 26.68
C3 X5E H . -24.64 1.56 26.64
C4 X5E H . -24.06 0.56 27.42
C5 X5E H . -24.50 -0.75 27.35
C6 X5E H . -25.68 1.21 25.80
C7 X5E H . -26.12 -0.09 25.73
C8 X5E H . -25.54 -1.10 26.49
C9 X5E H . -25.92 -2.53 26.28
C10 X5E H . -27.05 -2.90 25.53
N11 X5E H . -27.44 -4.16 25.40
C12 X5E H . -26.69 -5.09 26.00
C13 X5E H . -25.54 -4.75 26.74
N14 X5E H . -24.63 -5.71 27.26
C15 X5E H . -24.77 -7.08 27.05
C16 X5E H . -23.72 -7.75 27.58
C17 X5E H . -22.84 -6.77 28.17
C18 X5E H . -23.43 -5.51 27.96
C19 X5E H . -22.84 -4.34 28.43
C20 X5E H . -21.63 -4.45 29.13
O21 X5E H . -20.90 -3.45 29.74
C22 X5E H . -21.21 -2.04 29.49
C23 X5E H . -20.89 -1.66 28.03
C24 X5E H . -20.37 -1.29 30.51
C25 X5E H . -21.03 -5.69 29.35
C26 X5E H . -21.64 -6.84 28.87
N27 X5E H . -25.16 -3.48 26.88
O28 X5E H . -23.31 3.31 27.60
S SO4 I . 11.83 16.02 0.63
O1 SO4 I . 10.95 15.13 1.34
O2 SO4 I . 12.55 15.28 -0.39
O3 SO4 I . 11.06 17.06 0.00
O4 SO4 I . 12.76 16.60 1.57
S SO4 J . 29.59 -7.10 -19.83
O1 SO4 J . 28.90 -6.94 -18.58
O2 SO4 J . 30.63 -8.08 -19.61
O3 SO4 J . 30.18 -5.89 -20.27
O4 SO4 J . 28.66 -7.50 -20.86
S SO4 K . 34.30 -17.45 -35.23
O1 SO4 K . 33.87 -18.70 -35.83
O2 SO4 K . 35.39 -17.72 -34.31
O3 SO4 K . 33.21 -16.84 -34.49
O4 SO4 K . 34.76 -16.56 -36.26
S SO4 L . 26.60 3.60 -18.59
O1 SO4 L . 27.65 2.67 -18.27
O2 SO4 L . 25.45 2.88 -19.11
O3 SO4 L . 26.22 4.34 -17.41
O4 SO4 L . 27.08 4.54 -19.59
O1 X5E M . 17.06 -9.73 -30.02
C2 X5E M . 17.06 -8.74 -30.76
C3 X5E M . 15.89 -8.53 -31.68
C4 X5E M . 15.65 -7.28 -32.25
C5 X5E M . 14.52 -7.06 -33.01
C6 X5E M . 14.97 -9.54 -31.91
C7 X5E M . 13.84 -9.31 -32.68
C8 X5E M . 13.60 -8.07 -33.25
C9 X5E M . 12.36 -7.79 -34.01
C10 X5E M . 11.51 -8.84 -34.47
N11 X5E M . 10.39 -8.58 -35.16
C12 X5E M . 10.09 -7.30 -35.40
C13 X5E M . 10.94 -6.24 -34.96
N14 X5E M . 10.71 -4.86 -35.22
C15 X5E M . 9.58 -4.41 -35.90
C16 X5E M . 9.60 -3.06 -36.00
C17 X5E M . 10.82 -2.61 -35.35
C18 X5E M . 11.49 -3.75 -34.88
C19 X5E M . 12.70 -3.66 -34.19
C20 X5E M . 13.25 -2.39 -34.00
O21 X5E M . 14.44 -2.06 -33.38
C22 X5E M . 15.27 -3.11 -32.78
C23 X5E M . 14.59 -3.61 -31.51
C24 X5E M . 16.63 -2.45 -32.52
C25 X5E M . 12.60 -1.24 -34.46
C26 X5E M . 11.39 -1.35 -35.13
N27 X5E M . 12.07 -6.50 -34.26
O28 X5E M . 17.95 -7.87 -30.76
S SO4 N . 31.30 -30.05 -14.97
O1 SO4 N . 31.32 -30.20 -13.55
O2 SO4 N . 32.53 -30.53 -15.55
O3 SO4 N . 30.18 -30.78 -15.53
O4 SO4 N . 31.16 -28.65 -15.26
S SO4 O . 3.21 -18.19 -27.63
O1 SO4 O . 4.54 -18.25 -27.08
O2 SO4 O . 2.35 -19.03 -26.83
O3 SO4 O . 3.20 -18.64 -29.01
O4 SO4 O . 2.72 -16.83 -27.59
#